data_8Z1W
#
_entry.id   8Z1W
#
loop_
_entity.id
_entity.type
_entity.pdbx_description
1 polymer 'Dipeptide transport system permease protein DppB'
2 polymer 'Dipeptide transport system permease protein DppC'
3 polymer 'Dipeptide transport ATP-binding protein DppD'
4 polymer 'Dipeptide transport ATP-binding protein DppF'
5 non-polymer 'IRON/SULFUR CLUSTER'
6 non-polymer 'PHOSPHOTHIOPHOSPHORIC ACID-ADENYLATE ESTER'
#
loop_
_entity_poly.entity_id
_entity_poly.type
_entity_poly.pdbx_seq_one_letter_code
_entity_poly.pdbx_strand_id
1 'polypeptide(L)'
;MLQFILRRLGLVIPTFIGITLLTFAFVHMIPGDPVMIMAGERGISPERHAQLLAELGLDKPMWQQYLHYIWGVMHGDLGI
SMKSRIPVWEEFVPRFQATLELGVCAMIFATAVGIPVGVLAAVKRGSIFDHTAVGLALTGYSMPIFWWGMMLIMLVSVHW
NLTPVSGRVSDMVFLDDSNPLTGFMLIDTAIWGEDGNFIDAVAHMILPAIVLGTIPLAVIVRMTRSSMLEVLGEDYIRTA
RAKGLTRMRVIIVHALRNAMLPVVTVIGLQVGTLLAGAILTETIFSWPGLGRWLIDALQRRDYPVVQGGVLLVATMIILV
NLLVDLLYGVVNPRIRHKK
;
A
2 'polypeptide(L)'
;MSQVTENKVISAPVPMTPLQEFWHYFKRNKGAVVGLVYVVIVLFIAIFANWIAPYNPAEQFRDALLAPPAWQEGGSMAHL
LGTDDVGRDVLSRLMYGARLSLLVGCLVVVLSLIMGVILGLIAGYFGGLVDNIIMRVVDIMLALPSLLLALVLVAIFGPS
IGNAALALTFVALPHYVRLTRAAVLVEVNRDYVTASRVAGAGAMRQMFINIFPNCLAPLIVQASLGFSNAILDMAALGFL
GMGAQPPTPEWGTMLSDVLQFAQSAWWVVTFPGLAILLTVLAFNLMGDGLRDALDPKLKQ
;
B
3 'polypeptide(L)'
;MALLNVDKLSVHFGDESAPFRAVDRISYSVKQGEVVGIVGESGSGKSVSSLAIMGLIDYPGRVMAEKLEFNGQDLQRISE
KERRNLVGAEVAMIFQDPMTSLNPCYTVGFQIMEAIKVHQGGNKSTRRQRAIDLLNQVGIPDPASRLDVYPHQLSGGMSQ
RVMIAMAIACRPKLLIADQPTTALDVTIQAQIIELLLELQQKENMALVLITHDLALVAEAAHKIIVMYAGQVVETGDAHA
IFHAPRHPYTQALLRALPEFAQDKERLASLPGVVPGKYDRPNGCLLNPRCPYATDRCRAEEPALNMLADGRQSKCHYPLD
DAGRPTL
;
C
4 'polypeptide(L)'
;MSTQEATLQQPLLQAIDLKKHYPVKKGMFAPERLVKALDGVSFNLERGKTLAVVGESGCGKSTLGRLLTMIEMPTGGELY
YQGQDLLKHDPQAQKLRRQKIQIVFQNPYGSLNPRKKVGQILEEPLLINTSLSKEQRREKALSMMAKVGLKTEHYDRYPH
MFSGGQRQRIAIARGLMLDPDVVIADQPVSALDVSVRAQVLNLMMDLQQELGLSYVFISHDLSVVEHIADEVMVMYLGRC
VEKGTKDQIFNNPRHPYTQALLSATPRLNPDDRRERIKLSGELPSPLNPPPGCAFNARCRRRFGPCTQLQPQLKDYGGQL
VACFAVDQDENPQR
;
D
#
loop_
_chem_comp.id
_chem_comp.type
_chem_comp.name
_chem_comp.formula
AGS non-polymer 'PHOSPHOTHIOPHOSPHORIC ACID-ADENYLATE ESTER' 'C10 H16 N5 O12 P3 S'
SF4 non-polymer 'IRON/SULFUR CLUSTER' 'Fe4 S4'
#
# COMPACT_ATOMS: atom_id res chain seq x y z
N LEU A 2 19.50 11.86 14.23
CA LEU A 2 19.25 13.32 14.33
C LEU A 2 18.09 13.77 13.42
N GLN A 3 18.24 13.75 12.08
CA GLN A 3 17.41 14.53 11.16
C GLN A 3 15.89 14.31 11.28
N PHE A 4 15.43 13.10 11.59
CA PHE A 4 14.00 12.81 11.80
C PHE A 4 13.39 13.62 12.96
N ILE A 5 14.10 13.72 14.08
CA ILE A 5 13.67 14.51 15.25
C ILE A 5 13.56 15.99 14.87
N LEU A 6 14.58 16.53 14.20
CA LEU A 6 14.60 17.93 13.80
C LEU A 6 13.47 18.26 12.81
N ARG A 7 13.19 17.36 11.87
CA ARG A 7 12.10 17.49 10.89
C ARG A 7 10.70 17.52 11.55
N ARG A 8 10.49 16.73 12.62
CA ARG A 8 9.22 16.73 13.37
C ARG A 8 9.10 17.90 14.35
N LEU A 9 10.17 18.31 15.05
CA LEU A 9 10.14 19.52 15.87
C LEU A 9 9.81 20.76 15.03
N GLY A 10 10.28 20.81 13.79
CA GLY A 10 9.93 21.86 12.81
C GLY A 10 8.45 21.93 12.40
N LEU A 11 7.62 20.96 12.78
CA LEU A 11 6.15 20.99 12.61
C LEU A 11 5.42 21.17 13.95
N VAL A 12 5.97 20.66 15.05
CA VAL A 12 5.47 20.91 16.41
C VAL A 12 5.53 22.40 16.75
N ILE A 13 6.63 23.09 16.48
CA ILE A 13 6.79 24.50 16.85
C ILE A 13 5.78 25.43 16.16
N PRO A 14 5.55 25.39 14.83
CA PRO A 14 4.47 26.13 14.19
C PRO A 14 3.07 25.82 14.75
N THR A 15 2.82 24.58 15.17
CA THR A 15 1.56 24.17 15.81
C THR A 15 1.42 24.78 17.21
N PHE A 16 2.49 24.77 18.02
CA PHE A 16 2.49 25.37 19.36
C PHE A 16 2.36 26.89 19.34
N ILE A 17 2.99 27.56 18.37
CA ILE A 17 2.78 29.00 18.12
C ILE A 17 1.32 29.26 17.78
N GLY A 18 0.71 28.45 16.88
CA GLY A 18 -0.70 28.55 16.55
C GLY A 18 -1.65 28.35 17.74
N ILE A 19 -1.44 27.32 18.56
CA ILE A 19 -2.22 27.08 19.78
C ILE A 19 -2.12 28.28 20.73
N THR A 20 -0.94 28.86 20.88
CA THR A 20 -0.71 30.02 21.76
C THR A 20 -1.39 31.26 21.22
N LEU A 21 -1.31 31.54 19.91
CA LEU A 21 -2.03 32.64 19.26
C LEU A 21 -3.54 32.48 19.36
N LEU A 22 -4.11 31.27 19.14
CA LEU A 22 -5.57 31.11 19.26
C LEU A 22 -6.04 31.19 20.70
N THR A 23 -5.25 30.74 21.68
CA THR A 23 -5.62 30.92 23.08
C THR A 23 -5.54 32.40 23.49
N PHE A 24 -4.55 33.16 23.01
CA PHE A 24 -4.52 34.61 23.23
C PHE A 24 -5.74 35.29 22.62
N ALA A 25 -6.15 34.92 21.40
CA ALA A 25 -7.39 35.42 20.81
C ALA A 25 -8.60 35.10 21.69
N PHE A 26 -8.74 33.89 22.21
CA PHE A 26 -9.83 33.53 23.12
C PHE A 26 -9.81 34.38 24.40
N VAL A 27 -8.65 34.54 25.04
CA VAL A 27 -8.48 35.35 26.26
C VAL A 27 -8.73 36.84 26.04
N HIS A 28 -8.42 37.37 24.85
CA HIS A 28 -8.70 38.75 24.48
C HIS A 28 -10.18 38.98 24.13
N MET A 29 -10.81 38.06 23.41
CA MET A 29 -12.17 38.22 22.86
C MET A 29 -13.29 37.84 23.82
N ILE A 30 -13.10 36.85 24.70
CA ILE A 30 -14.09 36.34 25.64
C ILE A 30 -13.60 36.55 27.09
N PRO A 31 -13.82 37.72 27.70
CA PRO A 31 -13.36 38.01 29.05
C PRO A 31 -14.16 37.26 30.13
N GLY A 32 -13.51 36.94 31.26
CA GLY A 32 -14.15 36.28 32.40
C GLY A 32 -15.20 37.14 33.10
N MET A 62 -1.94 45.06 19.76
CA MET A 62 -1.96 43.57 19.77
C MET A 62 -0.63 42.95 20.19
N TRP A 63 0.48 43.22 19.49
CA TRP A 63 1.77 42.54 19.73
C TRP A 63 2.27 42.63 21.18
N GLN A 64 2.20 43.80 21.80
CA GLN A 64 2.60 43.99 23.21
C GLN A 64 1.71 43.20 24.18
N GLN A 65 0.41 43.10 23.91
CA GLN A 65 -0.54 42.32 24.71
C GLN A 65 -0.27 40.81 24.56
N TYR A 66 0.07 40.34 23.37
CA TYR A 66 0.46 38.94 23.16
C TYR A 66 1.72 38.58 23.95
N LEU A 67 2.76 39.42 23.88
CA LEU A 67 3.99 39.24 24.66
C LEU A 67 3.71 39.25 26.17
N HIS A 68 2.84 40.14 26.66
CA HIS A 68 2.46 40.18 28.07
C HIS A 68 1.70 38.91 28.49
N TYR A 69 0.82 38.40 27.64
CA TYR A 69 0.07 37.16 27.89
C TYR A 69 1.00 35.95 27.99
N ILE A 70 1.82 35.67 26.97
CA ILE A 70 2.70 34.48 27.01
C ILE A 70 3.78 34.59 28.09
N TRP A 71 4.26 35.80 28.40
CA TRP A 71 5.12 36.03 29.56
C TRP A 71 4.43 35.60 30.86
N GLY A 72 3.18 35.99 31.08
CA GLY A 72 2.41 35.56 32.24
C GLY A 72 2.21 34.04 32.31
N VAL A 73 1.83 33.42 31.21
CA VAL A 73 1.64 31.96 31.12
C VAL A 73 2.94 31.21 31.46
N MET A 74 4.08 31.68 30.98
CA MET A 74 5.38 31.08 31.30
C MET A 74 5.76 31.23 32.78
N HIS A 75 5.25 32.26 33.48
CA HIS A 75 5.37 32.41 34.93
C HIS A 75 4.26 31.68 35.73
N GLY A 76 3.39 30.92 35.07
CA GLY A 76 2.30 30.17 35.70
C GLY A 76 1.01 30.95 35.95
N ASP A 77 0.92 32.20 35.49
CA ASP A 77 -0.27 33.05 35.63
C ASP A 77 -1.37 32.68 34.61
N LEU A 78 -1.92 31.47 34.71
CA LEU A 78 -2.99 30.97 33.83
C LEU A 78 -4.38 31.57 34.14
N GLY A 79 -4.53 32.25 35.26
CA GLY A 79 -5.77 32.91 35.68
C GLY A 79 -6.33 32.40 37.00
N ILE A 80 -7.47 32.95 37.40
CA ILE A 80 -8.19 32.60 38.63
C ILE A 80 -9.57 32.07 38.30
N SER A 81 -9.88 30.88 38.83
CA SER A 81 -11.14 30.15 38.65
C SER A 81 -12.28 30.88 39.35
N MET A 82 -13.38 31.23 38.65
CA MET A 82 -14.33 32.21 39.19
C MET A 82 -15.08 31.76 40.43
N LYS A 83 -15.47 30.48 40.53
CA LYS A 83 -16.22 29.98 41.70
C LYS A 83 -15.36 29.86 42.97
N SER A 84 -14.17 29.28 42.85
CA SER A 84 -13.30 28.96 43.99
C SER A 84 -12.30 30.06 44.35
N ARG A 85 -11.97 30.93 43.39
CA ARG A 85 -10.88 31.91 43.42
C ARG A 85 -9.49 31.33 43.68
N ILE A 86 -9.34 30.01 43.51
CA ILE A 86 -8.04 29.33 43.48
C ILE A 86 -7.40 29.55 42.09
N PRO A 87 -6.08 29.77 41.98
CA PRO A 87 -5.39 29.84 40.71
C PRO A 87 -5.62 28.59 39.86
N VAL A 88 -5.76 28.74 38.55
CA VAL A 88 -6.09 27.63 37.64
C VAL A 88 -5.03 26.52 37.67
N TRP A 89 -3.75 26.84 37.88
CA TRP A 89 -2.70 25.83 38.03
C TRP A 89 -2.82 25.01 39.34
N GLU A 90 -3.18 25.66 40.44
CA GLU A 90 -3.35 25.01 41.74
C GLU A 90 -4.60 24.12 41.76
N GLU A 91 -5.65 24.47 41.01
CA GLU A 91 -6.74 23.53 40.74
C GLU A 91 -6.28 22.37 39.85
N PHE A 92 -5.53 22.63 38.78
CA PHE A 92 -5.16 21.67 37.73
C PHE A 92 -4.38 20.46 38.21
N VAL A 93 -3.32 20.64 39.02
CA VAL A 93 -2.36 19.58 39.32
C VAL A 93 -3.01 18.31 39.91
N PRO A 94 -3.86 18.37 40.96
CA PRO A 94 -4.63 17.22 41.41
C PRO A 94 -5.49 16.56 40.33
N ARG A 95 -6.11 17.34 39.44
CA ARG A 95 -6.94 16.81 38.36
C ARG A 95 -6.09 16.05 37.35
N PHE A 96 -4.94 16.59 36.97
CA PHE A 96 -4.03 15.95 36.04
C PHE A 96 -3.55 14.60 36.57
N GLN A 97 -3.13 14.53 37.82
CA GLN A 97 -2.77 13.27 38.46
C GLN A 97 -3.93 12.26 38.49
N ALA A 98 -5.11 12.66 38.95
CA ALA A 98 -6.27 11.77 39.01
C ALA A 98 -6.82 11.35 37.64
N THR A 99 -6.55 12.12 36.58
CA THR A 99 -6.86 11.76 35.19
C THR A 99 -5.80 10.86 34.57
N LEU A 100 -4.51 11.12 34.85
CA LEU A 100 -3.40 10.29 34.40
C LEU A 100 -3.45 8.90 35.03
N GLU A 101 -3.74 8.78 36.31
CA GLU A 101 -3.92 7.49 36.99
C GLU A 101 -5.01 6.64 36.33
N LEU A 102 -6.16 7.23 36.04
CA LEU A 102 -7.25 6.58 35.33
C LEU A 102 -6.89 6.23 33.89
N GLY A 103 -6.28 7.16 33.15
CA GLY A 103 -5.85 6.96 31.78
C GLY A 103 -4.80 5.87 31.63
N VAL A 104 -3.85 5.73 32.56
CA VAL A 104 -2.89 4.69 32.60
C VAL A 104 -3.55 3.35 32.74
N CYS A 105 -4.45 3.21 33.71
CA CYS A 105 -5.17 1.96 33.93
C CYS A 105 -6.06 1.58 32.75
N ALA A 106 -6.76 2.54 32.14
CA ALA A 106 -7.57 2.29 30.94
C ALA A 106 -6.72 1.83 29.76
N MET A 107 -5.53 2.40 29.56
CA MET A 107 -4.65 2.02 28.47
C MET A 107 -3.89 0.71 28.73
N ILE A 108 -3.65 0.32 29.98
CA ILE A 108 -3.17 -0.94 30.40
C ILE A 108 -4.17 -2.02 30.06
N PHE A 109 -5.45 -1.82 30.39
CA PHE A 109 -6.52 -2.75 30.02
C PHE A 109 -6.60 -2.94 28.51
N ALA A 110 -6.66 -1.83 27.77
CA ALA A 110 -6.79 -1.85 26.32
C ALA A 110 -5.61 -2.52 25.60
N THR A 111 -4.38 -2.24 26.02
CA THR A 111 -3.18 -2.79 25.38
C THR A 111 -2.96 -4.25 25.75
N ALA A 112 -3.12 -4.64 27.02
CA ALA A 112 -2.93 -5.95 27.51
C ALA A 112 -3.90 -6.93 26.92
N VAL A 113 -5.19 -6.59 26.89
CA VAL A 113 -6.25 -7.49 26.40
C VAL A 113 -6.37 -7.43 24.87
N GLY A 114 -6.19 -6.26 24.27
CA GLY A 114 -6.48 -6.03 22.85
C GLY A 114 -5.48 -6.67 21.88
N ILE A 115 -4.19 -6.58 22.18
CA ILE A 115 -3.13 -7.06 21.37
C ILE A 115 -3.18 -8.56 21.26
N PRO A 116 -3.23 -9.37 22.34
CA PRO A 116 -3.35 -10.82 22.22
C PRO A 116 -4.54 -11.28 21.38
N VAL A 117 -5.71 -10.64 21.56
CA VAL A 117 -6.95 -10.99 20.87
C VAL A 117 -6.86 -10.70 19.38
N GLY A 118 -6.27 -9.58 18.98
CA GLY A 118 -6.09 -9.26 17.56
C GLY A 118 -5.11 -10.19 16.84
N VAL A 119 -4.04 -10.60 17.51
CA VAL A 119 -3.10 -11.61 16.99
C VAL A 119 -3.79 -12.96 16.81
N LEU A 120 -4.51 -13.46 17.82
CA LEU A 120 -5.25 -14.70 17.71
C LEU A 120 -6.33 -14.64 16.63
N ALA A 121 -7.07 -13.54 16.52
CA ALA A 121 -8.08 -13.35 15.48
C ALA A 121 -7.49 -13.43 14.06
N ALA A 122 -6.36 -12.78 13.79
CA ALA A 122 -5.67 -12.88 12.50
C ALA A 122 -5.08 -14.27 12.22
N VAL A 123 -4.51 -14.93 13.22
CA VAL A 123 -3.96 -16.29 13.11
C VAL A 123 -5.05 -17.35 12.94
N LYS A 124 -6.22 -17.17 13.56
CA LYS A 124 -7.40 -18.04 13.48
C LYS A 124 -8.50 -17.47 12.59
N ARG A 125 -8.17 -16.86 11.44
CA ARG A 125 -9.12 -16.19 10.55
C ARG A 125 -10.29 -17.10 10.16
N GLY A 126 -11.52 -16.61 10.29
CA GLY A 126 -12.75 -17.35 9.98
C GLY A 126 -13.27 -18.30 11.08
N SER A 127 -12.58 -18.43 12.21
CA SER A 127 -13.03 -19.20 13.38
C SER A 127 -14.13 -18.48 14.17
N ILE A 128 -14.78 -19.19 15.10
CA ILE A 128 -15.71 -18.59 16.07
C ILE A 128 -15.02 -17.51 16.92
N PHE A 129 -13.73 -17.68 17.24
CA PHE A 129 -12.95 -16.67 17.96
C PHE A 129 -12.75 -15.40 17.13
N ASP A 130 -12.43 -15.52 15.85
CA ASP A 130 -12.29 -14.37 14.95
C ASP A 130 -13.62 -13.60 14.81
N HIS A 131 -14.71 -14.31 14.52
CA HIS A 131 -16.03 -13.68 14.41
C HIS A 131 -16.52 -13.05 15.70
N THR A 132 -16.19 -13.62 16.86
CA THR A 132 -16.51 -13.03 18.17
C THR A 132 -15.61 -11.83 18.47
N ALA A 133 -14.31 -11.90 18.21
CA ALA A 133 -13.38 -10.79 18.41
C ALA A 133 -13.73 -9.60 17.53
N VAL A 134 -13.99 -9.82 16.24
CA VAL A 134 -14.46 -8.78 15.32
C VAL A 134 -15.85 -8.26 15.72
N GLY A 135 -16.79 -9.12 16.13
CA GLY A 135 -18.04 -8.70 16.54
C GLY A 135 -18.10 -7.89 17.76
N LEU A 136 -17.42 -8.29 18.83
CA LEU A 136 -17.36 -7.52 20.06
C LEU A 136 -16.57 -6.20 19.89
N ALA A 137 -15.48 -6.20 19.14
CA ALA A 137 -14.72 -4.98 18.85
C ALA A 137 -15.57 -3.93 18.12
N LEU A 138 -16.36 -4.32 17.12
CA LEU A 138 -17.27 -3.41 16.42
C LEU A 138 -18.35 -2.83 17.35
N THR A 139 -18.83 -3.61 18.30
CA THR A 139 -19.79 -3.20 19.34
C THR A 139 -19.16 -2.20 20.32
N GLY A 140 -17.91 -2.41 20.72
CA GLY A 140 -17.19 -1.48 21.58
C GLY A 140 -16.84 -0.17 20.88
N TYR A 141 -16.39 -0.22 19.63
CA TYR A 141 -16.05 0.95 18.81
C TYR A 141 -17.26 1.86 18.54
N SER A 142 -18.48 1.32 18.56
CA SER A 142 -19.75 2.03 18.41
C SER A 142 -20.41 2.42 19.73
N MET A 143 -19.76 2.21 20.86
CA MET A 143 -20.36 2.37 22.19
C MET A 143 -20.50 3.84 22.63
N PRO A 144 -21.69 4.32 23.04
CA PRO A 144 -21.81 5.55 23.80
C PRO A 144 -21.26 5.34 25.22
N ILE A 145 -20.07 5.88 25.50
CA ILE A 145 -19.30 5.62 26.74
C ILE A 145 -20.10 5.96 27.99
N PHE A 146 -20.80 7.09 27.99
CA PHE A 146 -21.55 7.59 29.15
C PHE A 146 -22.68 6.64 29.54
N TRP A 147 -23.43 6.15 28.56
CA TRP A 147 -24.48 5.17 28.78
C TRP A 147 -23.94 3.83 29.28
N TRP A 148 -22.87 3.32 28.68
CA TRP A 148 -22.37 2.00 29.08
C TRP A 148 -21.84 1.97 30.51
N GLY A 149 -21.28 3.08 31.00
CA GLY A 149 -20.96 3.20 32.41
C GLY A 149 -22.19 3.23 33.32
N MET A 150 -23.31 3.82 32.91
CA MET A 150 -24.57 3.70 33.66
C MET A 150 -25.05 2.25 33.70
N MET A 151 -24.94 1.51 32.60
CA MET A 151 -25.29 0.08 32.57
C MET A 151 -24.42 -0.76 33.52
N LEU A 152 -23.11 -0.53 33.57
CA LEU A 152 -22.24 -1.23 34.51
C LEU A 152 -22.47 -0.80 35.96
N ILE A 153 -22.82 0.46 36.26
CA ILE A 153 -23.28 0.85 37.60
C ILE A 153 -24.56 0.07 37.95
N MET A 154 -25.52 0.02 37.04
CA MET A 154 -26.79 -0.66 37.23
C MET A 154 -26.64 -2.17 37.44
N LEU A 155 -25.84 -2.87 36.64
CA LEU A 155 -25.60 -4.30 36.81
C LEU A 155 -24.63 -4.61 37.97
N VAL A 156 -23.40 -4.07 37.93
CA VAL A 156 -22.34 -4.49 38.85
C VAL A 156 -22.50 -3.89 40.23
N SER A 157 -22.90 -2.63 40.33
CA SER A 157 -23.02 -1.91 41.60
C SER A 157 -24.41 -1.93 42.21
N VAL A 158 -25.49 -1.92 41.43
CA VAL A 158 -26.86 -1.97 41.98
C VAL A 158 -27.39 -3.40 42.07
N HIS A 159 -27.45 -4.17 40.97
CA HIS A 159 -28.03 -5.53 41.01
C HIS A 159 -27.15 -6.57 41.70
N TRP A 160 -25.89 -6.74 41.30
CA TRP A 160 -24.96 -7.70 41.92
C TRP A 160 -24.28 -7.17 43.19
N ASN A 161 -24.19 -5.84 43.33
CA ASN A 161 -23.57 -5.14 44.47
C ASN A 161 -22.12 -5.56 44.77
N LEU A 162 -21.29 -5.66 43.73
CA LEU A 162 -19.89 -6.06 43.85
C LEU A 162 -18.91 -4.90 44.03
N THR A 163 -19.22 -3.71 43.52
CA THR A 163 -18.24 -2.63 43.24
C THR A 163 -18.87 -1.26 43.52
N PRO A 164 -18.17 -0.27 44.07
CA PRO A 164 -18.76 1.02 44.47
C PRO A 164 -19.15 1.92 43.29
N VAL A 165 -20.21 2.71 43.48
CA VAL A 165 -20.86 3.52 42.42
C VAL A 165 -20.15 4.84 42.08
N SER A 166 -19.31 5.37 42.96
CA SER A 166 -18.91 6.79 42.96
C SER A 166 -17.56 7.00 43.62
N GLY A 167 -16.78 7.95 43.09
CA GLY A 167 -15.59 8.51 43.75
C GLY A 167 -14.29 7.74 43.52
N ARG A 168 -13.19 8.35 43.96
CA ARG A 168 -11.81 7.85 43.75
C ARG A 168 -11.32 6.87 44.83
N VAL A 169 -11.77 7.04 46.07
CA VAL A 169 -11.53 6.13 47.19
C VAL A 169 -12.67 6.28 48.21
N SER A 170 -12.98 5.27 49.02
CA SER A 170 -14.06 5.31 50.00
C SER A 170 -13.89 6.43 51.02
N ASP A 171 -14.98 7.04 51.49
CA ASP A 171 -14.94 8.12 52.49
C ASP A 171 -14.45 7.64 53.87
N MET A 172 -14.35 6.34 54.08
CA MET A 172 -13.62 5.71 55.19
C MET A 172 -12.13 6.04 55.16
N VAL A 173 -11.53 6.07 53.97
CA VAL A 173 -10.08 6.21 53.78
C VAL A 173 -9.65 7.67 53.97
N PHE A 174 -8.68 7.87 54.84
CA PHE A 174 -7.99 9.14 55.03
C PHE A 174 -6.51 8.86 55.28
N LEU A 175 -5.63 9.75 54.83
CA LEU A 175 -4.19 9.59 54.90
C LEU A 175 -3.59 10.77 55.68
N ASP A 176 -2.60 10.50 56.54
CA ASP A 176 -1.87 11.56 57.22
C ASP A 176 -1.05 12.38 56.21
N ASP A 177 -1.28 13.68 56.15
CA ASP A 177 -0.67 14.56 55.15
C ASP A 177 0.82 14.85 55.41
N SER A 178 1.35 14.45 56.56
CA SER A 178 2.71 14.49 56.94
C SER A 178 3.59 13.66 56.04
N ASN A 179 3.07 12.54 55.53
CA ASN A 179 3.81 11.66 54.64
C ASN A 179 4.03 12.31 53.25
N PRO A 180 5.10 11.95 52.51
CA PRO A 180 5.39 12.50 51.19
C PRO A 180 4.50 11.88 50.10
N LEU A 181 3.18 11.99 50.26
CA LEU A 181 2.16 11.40 49.39
C LEU A 181 2.33 11.90 47.95
N THR A 182 2.30 11.00 46.96
CA THR A 182 2.53 11.32 45.55
C THR A 182 1.33 12.00 44.90
N GLY A 183 0.12 11.73 45.41
CA GLY A 183 -1.15 12.13 44.81
C GLY A 183 -1.76 11.10 43.87
N PHE A 184 -1.14 9.92 43.71
CA PHE A 184 -1.70 8.77 42.99
C PHE A 184 -2.19 7.75 44.03
N MET A 185 -3.48 7.45 44.08
CA MET A 185 -4.05 6.65 45.16
C MET A 185 -3.55 5.21 45.18
N LEU A 186 -3.31 4.59 44.03
CA LEU A 186 -2.76 3.24 43.95
C LEU A 186 -1.31 3.15 44.47
N ILE A 187 -0.55 4.25 44.44
CA ILE A 187 0.79 4.32 45.01
C ILE A 187 0.69 4.66 46.51
N ASP A 188 -0.01 5.74 46.83
CA ASP A 188 -0.09 6.27 48.18
C ASP A 188 -0.70 5.29 49.18
N THR A 189 -1.79 4.62 48.81
CA THR A 189 -2.45 3.65 49.70
C THR A 189 -1.69 2.32 49.81
N ALA A 190 -0.71 2.05 48.95
CA ALA A 190 0.19 0.90 49.09
C ALA A 190 1.39 1.21 50.01
N ILE A 191 2.03 2.36 49.83
CA ILE A 191 3.25 2.73 50.56
C ILE A 191 2.95 3.30 51.96
N TRP A 192 1.93 4.14 52.10
CA TRP A 192 1.57 4.82 53.37
C TRP A 192 0.17 4.50 53.90
N GLY A 193 -0.60 3.64 53.21
CA GLY A 193 -1.97 3.32 53.62
C GLY A 193 -2.06 2.35 54.79
N GLU A 194 -3.21 2.32 55.47
CA GLU A 194 -3.52 1.24 56.42
C GLU A 194 -3.82 -0.09 55.71
N ASP A 195 -3.91 -1.19 56.47
CA ASP A 195 -4.27 -2.50 55.93
C ASP A 195 -5.70 -2.48 55.32
N GLY A 196 -5.88 -3.07 54.15
CA GLY A 196 -7.17 -3.14 53.45
C GLY A 196 -7.60 -1.90 52.66
N ASN A 197 -6.90 -0.76 52.78
CA ASN A 197 -7.17 0.45 51.99
C ASN A 197 -6.78 0.31 50.52
N PHE A 198 -5.75 -0.47 50.17
CA PHE A 198 -5.31 -0.57 48.78
C PHE A 198 -6.34 -1.30 47.90
N ILE A 199 -6.98 -2.36 48.40
CA ILE A 199 -8.01 -3.06 47.62
C ILE A 199 -9.27 -2.21 47.43
N ASP A 200 -9.51 -1.22 48.30
CA ASP A 200 -10.51 -0.18 48.10
C ASP A 200 -10.13 0.76 46.94
N ALA A 201 -8.90 1.28 46.93
CA ALA A 201 -8.40 2.11 45.84
C ALA A 201 -8.40 1.39 44.48
N VAL A 202 -8.19 0.07 44.43
CA VAL A 202 -8.37 -0.75 43.23
C VAL A 202 -9.84 -0.95 42.87
N ALA A 203 -10.72 -1.28 43.82
CA ALA A 203 -12.13 -1.54 43.53
C ALA A 203 -12.82 -0.31 42.90
N HIS A 204 -12.50 0.89 43.38
CA HIS A 204 -12.96 2.14 42.78
C HIS A 204 -12.40 2.39 41.37
N MET A 205 -11.29 1.78 40.97
CA MET A 205 -10.64 1.98 39.67
C MET A 205 -11.21 1.08 38.56
N ILE A 206 -11.79 -0.08 38.90
CA ILE A 206 -12.15 -1.13 37.93
C ILE A 206 -13.15 -0.63 36.88
N LEU A 207 -14.33 -0.14 37.28
CA LEU A 207 -15.33 0.28 36.30
C LEU A 207 -14.88 1.49 35.47
N PRO A 208 -14.36 2.59 36.03
CA PRO A 208 -13.81 3.67 35.21
C PRO A 208 -12.77 3.21 34.18
N ALA A 209 -11.86 2.32 34.54
CA ALA A 209 -10.85 1.80 33.62
C ALA A 209 -11.42 0.93 32.50
N ILE A 210 -12.39 0.06 32.79
CA ILE A 210 -13.07 -0.76 31.77
C ILE A 210 -13.91 0.11 30.82
N VAL A 211 -14.65 1.07 31.37
CA VAL A 211 -15.51 1.99 30.61
C VAL A 211 -14.69 2.89 29.70
N LEU A 212 -13.66 3.56 30.21
CA LEU A 212 -12.79 4.41 29.41
C LEU A 212 -11.95 3.61 28.42
N GLY A 213 -11.50 2.41 28.81
CA GLY A 213 -10.67 1.54 28.00
C GLY A 213 -11.39 0.84 26.83
N THR A 214 -12.72 0.89 26.73
CA THR A 214 -13.45 0.11 25.72
C THR A 214 -13.28 0.56 24.28
N ILE A 215 -13.38 1.85 23.95
CA ILE A 215 -13.10 2.29 22.58
C ILE A 215 -11.62 2.05 22.21
N PRO A 216 -10.61 2.42 23.03
CA PRO A 216 -9.22 2.04 22.81
C PRO A 216 -9.03 0.54 22.58
N LEU A 217 -9.63 -0.33 23.41
CA LEU A 217 -9.55 -1.77 23.25
C LEU A 217 -10.09 -2.24 21.91
N ALA A 218 -11.27 -1.76 21.51
CA ALA A 218 -11.85 -2.06 20.22
C ALA A 218 -10.97 -1.64 19.05
N VAL A 219 -10.41 -0.43 19.09
CA VAL A 219 -9.52 0.09 18.04
C VAL A 219 -8.19 -0.67 17.98
N ILE A 220 -7.63 -1.05 19.12
CA ILE A 220 -6.43 -1.89 19.19
C ILE A 220 -6.71 -3.29 18.66
N VAL A 221 -7.84 -3.94 18.97
CA VAL A 221 -8.21 -5.24 18.38
C VAL A 221 -8.36 -5.13 16.86
N ARG A 222 -9.10 -4.14 16.36
CA ARG A 222 -9.30 -3.89 14.93
C ARG A 222 -7.98 -3.64 14.21
N MET A 223 -7.15 -2.71 14.67
CA MET A 223 -5.86 -2.42 14.02
C MET A 223 -4.88 -3.56 14.16
N THR A 224 -4.83 -4.28 15.30
CA THR A 224 -3.88 -5.40 15.42
C THR A 224 -4.22 -6.49 14.44
N ARG A 225 -5.51 -6.82 14.28
CA ARG A 225 -6.00 -7.81 13.32
C ARG A 225 -5.69 -7.43 11.89
N SER A 226 -6.09 -6.24 11.44
CA SER A 226 -5.85 -5.83 10.06
C SER A 226 -4.36 -5.74 9.73
N SER A 227 -3.54 -5.30 10.68
CA SER A 227 -2.13 -5.22 10.55
C SER A 227 -1.51 -6.58 10.40
N MET A 228 -1.88 -7.51 11.27
CA MET A 228 -1.40 -8.88 11.23
C MET A 228 -1.81 -9.59 9.94
N LEU A 229 -3.02 -9.41 9.44
CA LEU A 229 -3.43 -10.03 8.18
C LEU A 229 -2.70 -9.44 6.97
N GLU A 230 -2.34 -8.16 6.99
CA GLU A 230 -1.51 -7.51 6.06
C GLU A 230 -0.13 -8.10 6.04
N VAL A 231 0.47 -8.25 7.23
CA VAL A 231 1.83 -8.77 7.39
C VAL A 231 1.90 -10.27 7.10
N LEU A 232 0.92 -11.07 7.53
CA LEU A 232 0.93 -12.51 7.28
C LEU A 232 0.83 -12.86 5.80
N GLY A 233 0.43 -11.93 4.93
CA GLY A 233 0.46 -12.02 3.56
C GLY A 233 1.63 -11.55 2.81
N GLU A 234 2.67 -11.05 3.49
CA GLU A 234 3.89 -10.52 2.87
C GLU A 234 4.92 -11.57 2.47
N ASP A 235 5.76 -11.26 1.48
CA ASP A 235 6.77 -12.16 0.93
C ASP A 235 7.83 -12.61 1.94
N TYR A 236 8.20 -11.78 2.91
CA TYR A 236 9.15 -12.20 3.94
C TYR A 236 8.59 -13.24 4.92
N ILE A 237 7.26 -13.38 5.06
CA ILE A 237 6.65 -14.47 5.81
C ILE A 237 6.76 -15.79 5.04
N ARG A 238 6.69 -15.76 3.71
CA ARG A 238 6.98 -16.93 2.87
C ARG A 238 8.45 -17.34 2.97
N THR A 239 9.39 -16.40 3.02
CA THR A 239 10.80 -16.70 3.32
C THR A 239 10.99 -17.28 4.73
N ALA A 240 10.30 -16.76 5.74
CA ALA A 240 10.36 -17.30 7.10
C ALA A 240 9.85 -18.74 7.18
N ARG A 241 8.73 -19.06 6.52
CA ARG A 241 8.25 -20.44 6.35
C ARG A 241 9.25 -21.32 5.58
N ALA A 242 9.82 -20.83 4.49
CA ALA A 242 10.81 -21.53 3.67
C ALA A 242 12.16 -21.78 4.35
N LYS A 243 12.49 -21.07 5.44
CA LYS A 243 13.64 -21.39 6.32
C LYS A 243 13.39 -22.58 7.26
N GLY A 244 12.16 -23.05 7.40
CA GLY A 244 11.81 -24.13 8.33
C GLY A 244 11.53 -23.67 9.76
N LEU A 245 11.20 -22.40 9.95
CA LEU A 245 10.84 -21.82 11.26
C LEU A 245 9.52 -22.37 11.77
N THR A 246 9.39 -22.48 13.09
CA THR A 246 8.14 -22.91 13.74
C THR A 246 7.05 -21.83 13.57
N ARG A 247 5.77 -22.23 13.54
CA ARG A 247 4.66 -21.30 13.30
C ARG A 247 4.61 -20.20 14.36
N MET A 248 4.92 -20.51 15.61
CA MET A 248 4.99 -19.54 16.70
C MET A 248 6.10 -18.51 16.49
N ARG A 249 7.27 -18.91 15.98
CA ARG A 249 8.37 -17.99 15.67
C ARG A 249 8.10 -17.13 14.44
N VAL A 250 7.44 -17.65 13.41
CA VAL A 250 6.96 -16.84 12.29
C VAL A 250 5.96 -15.78 12.77
N ILE A 251 5.02 -16.12 13.67
CA ILE A 251 4.05 -15.16 14.21
C ILE A 251 4.72 -14.13 15.12
N ILE A 252 5.42 -14.54 16.18
CA ILE A 252 5.91 -13.61 17.21
C ILE A 252 7.15 -12.84 16.76
N VAL A 253 8.15 -13.50 16.18
CA VAL A 253 9.40 -12.84 15.79
C VAL A 253 9.25 -12.14 14.45
N HIS A 254 8.71 -12.80 13.43
CA HIS A 254 8.66 -12.23 12.08
C HIS A 254 7.45 -11.34 11.82
N ALA A 255 6.23 -11.80 12.07
CA ALA A 255 5.03 -11.01 11.78
C ALA A 255 4.81 -9.89 12.80
N LEU A 256 4.78 -10.20 14.10
CA LEU A 256 4.32 -9.25 15.09
C LEU A 256 5.23 -8.03 15.24
N ARG A 257 6.55 -8.17 15.07
CA ARG A 257 7.47 -7.02 15.04
C ARG A 257 7.10 -6.01 13.97
N ASN A 258 6.69 -6.47 12.79
CA ASN A 258 6.23 -5.60 11.71
C ASN A 258 4.80 -5.10 11.94
N ALA A 259 3.91 -5.97 12.40
CA ALA A 259 2.52 -5.61 12.68
C ALA A 259 2.37 -4.66 13.87
N MET A 260 3.39 -4.51 14.72
CA MET A 260 3.40 -3.57 15.84
C MET A 260 3.61 -2.11 15.44
N LEU A 261 4.26 -1.78 14.33
CA LEU A 261 4.47 -0.45 13.88
C LEU A 261 3.17 0.31 13.70
N PRO A 262 2.22 -0.21 12.92
CA PRO A 262 0.92 0.42 12.86
C PRO A 262 0.22 0.57 14.18
N VAL A 263 0.32 -0.38 15.04
CA VAL A 263 -0.27 -0.43 16.33
C VAL A 263 0.20 0.70 17.20
N VAL A 264 1.44 1.03 17.16
CA VAL A 264 2.06 2.09 17.86
C VAL A 264 1.39 3.40 17.55
N THR A 265 1.08 3.65 16.31
CA THR A 265 0.43 4.80 15.82
C THR A 265 -0.93 5.01 16.42
N VAL A 266 -1.77 4.03 16.36
CA VAL A 266 -3.10 4.04 16.86
C VAL A 266 -3.11 4.28 18.35
N ILE A 267 -2.24 3.67 19.08
CA ILE A 267 -2.03 3.86 20.46
C ILE A 267 -1.79 5.32 20.76
N GLY A 268 -0.97 5.96 20.00
CA GLY A 268 -0.75 7.32 20.06
C GLY A 268 -1.93 8.18 19.83
N LEU A 269 -2.73 7.84 18.87
CA LEU A 269 -3.97 8.44 18.56
C LEU A 269 -4.94 8.36 19.71
N GLN A 270 -5.09 7.17 20.28
CA GLN A 270 -6.07 6.89 21.32
C GLN A 270 -5.75 7.61 22.63
N VAL A 271 -4.48 7.77 23.02
CA VAL A 271 -4.03 8.45 24.16
C VAL A 271 -4.40 9.91 24.12
N GLY A 272 -4.43 10.52 22.99
CA GLY A 272 -4.92 11.79 22.80
C GLY A 272 -6.37 11.99 22.88
N THR A 273 -7.12 10.94 22.52
CA THR A 273 -8.59 10.87 22.53
C THR A 273 -9.15 10.45 23.89
N LEU A 274 -8.36 9.85 24.79
CA LEU A 274 -8.79 9.45 26.14
C LEU A 274 -9.45 10.59 26.93
N LEU A 275 -9.01 11.85 26.78
CA LEU A 275 -9.64 12.97 27.48
C LEU A 275 -11.11 13.16 27.07
N ALA A 276 -11.46 12.96 25.79
CA ALA A 276 -12.78 12.96 25.29
C ALA A 276 -13.64 11.96 26.02
N GLY A 277 -13.13 10.73 26.17
CA GLY A 277 -13.80 9.67 26.91
C GLY A 277 -13.83 9.94 28.42
N ALA A 278 -12.85 10.65 28.95
CA ALA A 278 -12.77 11.02 30.35
C ALA A 278 -13.82 12.08 30.74
N ILE A 279 -14.14 13.07 29.91
CA ILE A 279 -15.25 14.02 30.20
C ILE A 279 -16.56 13.27 30.47
N LEU A 280 -16.86 12.28 29.64
CA LEU A 280 -18.04 11.42 29.74
C LEU A 280 -17.95 10.45 30.93
N THR A 281 -16.82 9.76 31.12
CA THR A 281 -16.62 8.78 32.20
C THR A 281 -16.56 9.43 33.59
N GLU A 282 -15.78 10.51 33.77
CA GLU A 282 -15.61 11.15 35.06
C GLU A 282 -16.92 11.72 35.61
N THR A 283 -17.81 12.16 34.72
CA THR A 283 -19.11 12.73 35.09
C THR A 283 -20.02 11.70 35.74
N ILE A 284 -20.13 10.47 35.19
CA ILE A 284 -21.01 9.43 35.74
C ILE A 284 -20.45 8.77 37.00
N PHE A 285 -19.12 8.63 37.13
CA PHE A 285 -18.47 8.04 38.30
C PHE A 285 -18.07 9.05 39.38
N SER A 286 -18.43 10.32 39.22
CA SER A 286 -18.09 11.45 40.10
C SER A 286 -16.60 11.51 40.46
N TRP A 287 -15.75 11.26 39.47
CA TRP A 287 -14.30 11.19 39.62
C TRP A 287 -13.69 12.60 39.75
N PRO A 288 -12.78 12.88 40.70
CA PRO A 288 -11.94 14.07 40.66
C PRO A 288 -11.07 14.01 39.41
N GLY A 289 -11.19 14.94 38.47
CA GLY A 289 -10.53 14.78 37.19
C GLY A 289 -10.67 15.98 36.26
N LEU A 290 -9.84 15.99 35.24
CA LEU A 290 -9.59 17.16 34.40
C LEU A 290 -10.74 17.42 33.43
N GLY A 291 -11.43 16.36 33.00
CA GLY A 291 -12.63 16.46 32.19
C GLY A 291 -13.82 16.98 32.97
N ARG A 292 -14.05 16.51 34.21
CA ARG A 292 -15.12 17.02 35.07
C ARG A 292 -14.94 18.50 35.43
N TRP A 293 -13.71 18.92 35.70
CA TRP A 293 -13.33 20.32 35.92
C TRP A 293 -13.62 21.19 34.69
N LEU A 294 -13.26 20.72 33.49
CA LEU A 294 -13.53 21.44 32.24
C LEU A 294 -15.02 21.54 31.93
N ILE A 295 -15.80 20.45 32.00
CA ILE A 295 -17.22 20.53 31.64
C ILE A 295 -18.02 21.35 32.65
N ASP A 296 -17.70 21.30 33.93
CA ASP A 296 -18.31 22.17 34.93
C ASP A 296 -17.97 23.66 34.65
N ALA A 297 -16.74 23.96 34.23
CA ALA A 297 -16.39 25.31 33.80
C ALA A 297 -17.17 25.75 32.56
N LEU A 298 -17.33 24.89 31.56
CA LEU A 298 -18.13 25.17 30.36
C LEU A 298 -19.63 25.36 30.68
N GLN A 299 -20.19 24.60 31.61
CA GLN A 299 -21.57 24.79 32.08
C GLN A 299 -21.75 26.06 32.92
N ARG A 300 -20.78 26.42 33.77
CA ARG A 300 -20.74 27.68 34.53
C ARG A 300 -20.48 28.93 33.66
N ARG A 301 -19.90 28.76 32.47
CA ARG A 301 -19.19 29.82 31.71
C ARG A 301 -18.00 30.42 32.47
N ASP A 302 -17.28 29.58 33.20
CA ASP A 302 -16.05 29.88 33.95
C ASP A 302 -14.85 29.92 33.01
N TYR A 303 -14.85 30.88 32.09
CA TYR A 303 -13.88 30.95 31.00
C TYR A 303 -12.40 30.94 31.44
N PRO A 304 -11.98 31.50 32.59
CA PRO A 304 -10.61 31.35 33.07
C PRO A 304 -10.12 29.90 33.18
N VAL A 305 -10.95 28.97 33.66
CA VAL A 305 -10.61 27.54 33.67
C VAL A 305 -10.59 26.96 32.27
N VAL A 306 -11.54 27.29 31.40
CA VAL A 306 -11.57 26.79 30.03
C VAL A 306 -10.35 27.25 29.24
N GLN A 307 -10.01 28.53 29.30
CA GLN A 307 -8.89 29.14 28.56
C GLN A 307 -7.53 28.61 28.99
N GLY A 308 -7.26 28.51 30.29
CA GLY A 308 -6.04 27.85 30.78
C GLY A 308 -6.05 26.34 30.53
N GLY A 309 -7.20 25.69 30.71
CA GLY A 309 -7.37 24.27 30.54
C GLY A 309 -7.15 23.78 29.11
N VAL A 310 -7.73 24.44 28.10
CA VAL A 310 -7.48 24.06 26.70
C VAL A 310 -6.03 24.25 26.28
N LEU A 311 -5.31 25.23 26.84
CA LEU A 311 -3.88 25.41 26.59
C LEU A 311 -3.05 24.26 27.15
N LEU A 312 -3.28 23.88 28.42
CA LEU A 312 -2.56 22.76 29.03
C LEU A 312 -2.90 21.42 28.37
N VAL A 313 -4.18 21.15 28.09
CA VAL A 313 -4.62 19.96 27.37
C VAL A 313 -4.02 19.88 25.98
N ALA A 314 -4.04 20.97 25.21
CA ALA A 314 -3.44 21.06 23.93
C ALA A 314 -1.97 20.75 24.00
N THR A 315 -1.26 21.32 24.92
CA THR A 315 0.11 21.14 25.16
C THR A 315 0.47 19.70 25.40
N MET A 316 -0.28 19.03 26.28
CA MET A 316 -0.06 17.64 26.60
C MET A 316 -0.19 16.74 25.38
N ILE A 317 -1.19 16.97 24.52
CA ILE A 317 -1.49 16.23 23.37
C ILE A 317 -0.36 16.25 22.37
N ILE A 318 0.16 17.45 22.09
CA ILE A 318 1.28 17.62 21.16
C ILE A 318 2.60 17.05 21.70
N LEU A 319 2.86 17.11 23.00
CA LEU A 319 4.01 16.42 23.59
C LEU A 319 3.85 14.89 23.54
N VAL A 320 2.65 14.36 23.76
CA VAL A 320 2.36 12.98 23.66
C VAL A 320 2.55 12.48 22.25
N ASN A 321 2.05 13.19 21.29
CA ASN A 321 2.21 12.95 19.91
C ASN A 321 3.66 12.89 19.53
N LEU A 322 4.46 13.86 19.98
CA LEU A 322 5.90 13.92 19.71
C LEU A 322 6.61 12.70 20.28
N LEU A 323 6.30 12.27 21.50
CA LEU A 323 6.86 11.15 22.17
C LEU A 323 6.60 9.88 21.42
N VAL A 324 5.39 9.64 21.02
CA VAL A 324 4.95 8.53 20.26
C VAL A 324 5.72 8.42 18.98
N ASP A 325 5.82 9.52 18.24
CA ASP A 325 6.50 9.54 16.94
C ASP A 325 8.02 9.35 17.07
N LEU A 326 8.65 9.77 18.17
CA LEU A 326 10.01 9.38 18.51
C LEU A 326 10.12 7.88 18.79
N LEU A 327 9.19 7.27 19.54
CA LEU A 327 9.06 5.88 19.77
C LEU A 327 8.89 5.12 18.47
N TYR A 328 8.06 5.59 17.55
CA TYR A 328 7.84 4.94 16.25
C TYR A 328 9.11 4.97 15.39
N GLY A 329 9.82 6.10 15.36
CA GLY A 329 11.10 6.25 14.67
C GLY A 329 12.28 5.55 15.34
N VAL A 330 12.12 4.97 16.53
CA VAL A 330 13.12 4.11 17.17
C VAL A 330 12.89 2.64 16.84
N VAL A 331 11.64 2.15 16.85
CA VAL A 331 11.27 0.83 16.53
C VAL A 331 11.41 0.56 15.05
N ASN A 332 11.01 1.45 14.22
CA ASN A 332 11.04 1.40 12.81
C ASN A 332 12.45 1.54 12.30
N PRO A 333 13.09 0.54 11.69
CA PRO A 333 14.43 0.72 11.16
C PRO A 333 14.56 1.58 9.96
N ARG A 334 13.57 1.69 9.13
CA ARG A 334 13.49 2.51 7.99
C ARG A 334 13.74 3.96 8.31
N ILE A 335 13.39 4.39 9.53
CA ILE A 335 13.55 5.77 10.03
C ILE A 335 14.83 5.94 10.86
N ARG A 336 15.19 4.95 11.69
CA ARG A 336 16.33 4.89 12.52
C ARG A 336 17.59 4.78 11.72
N THR B 17 -20.20 -4.31 -15.11
CA THR B 17 -20.36 -2.87 -14.77
C THR B 17 -20.03 -2.63 -13.30
N PRO B 18 -19.25 -1.58 -12.95
CA PRO B 18 -18.64 -1.49 -11.62
C PRO B 18 -19.63 -1.29 -10.46
N LEU B 19 -20.80 -0.68 -10.67
CA LEU B 19 -21.82 -0.53 -9.62
C LEU B 19 -22.48 -1.87 -9.25
N GLN B 20 -22.70 -2.75 -10.23
CA GLN B 20 -23.19 -4.12 -9.99
C GLN B 20 -22.11 -4.99 -9.33
N GLU B 21 -20.84 -4.79 -9.68
CA GLU B 21 -19.70 -5.48 -9.05
C GLU B 21 -19.54 -5.08 -7.58
N PHE B 22 -19.64 -3.78 -7.28
CA PHE B 22 -19.74 -3.26 -5.91
C PHE B 22 -20.90 -3.90 -5.13
N TRP B 23 -22.12 -3.90 -5.67
CA TRP B 23 -23.27 -4.49 -4.98
C TRP B 23 -23.14 -5.99 -4.76
N HIS B 24 -22.58 -6.71 -5.73
CA HIS B 24 -22.28 -8.13 -5.61
C HIS B 24 -21.34 -8.43 -4.44
N TYR B 25 -20.26 -7.65 -4.27
CA TYR B 25 -19.36 -7.78 -3.13
C TYR B 25 -19.94 -7.27 -1.81
N PHE B 26 -20.73 -6.19 -1.80
CA PHE B 26 -21.41 -5.71 -0.61
C PHE B 26 -22.37 -6.77 -0.05
N LYS B 27 -23.13 -7.47 -0.91
CA LYS B 27 -24.00 -8.58 -0.52
C LYS B 27 -23.27 -9.77 0.11
N ARG B 28 -21.97 -9.91 -0.13
CA ARG B 28 -21.13 -10.98 0.44
C ARG B 28 -20.90 -10.82 1.95
N ASN B 29 -20.87 -9.58 2.44
CA ASN B 29 -20.79 -9.28 3.86
C ASN B 29 -22.21 -9.26 4.46
N LYS B 30 -22.61 -10.37 5.10
CA LYS B 30 -23.96 -10.55 5.68
C LYS B 30 -24.27 -9.54 6.78
N GLY B 31 -23.27 -9.15 7.57
CA GLY B 31 -23.39 -8.10 8.57
C GLY B 31 -23.72 -6.74 7.97
N ALA B 32 -23.12 -6.39 6.84
CA ALA B 32 -23.39 -5.14 6.15
C ALA B 32 -24.83 -5.04 5.62
N VAL B 33 -25.40 -6.14 5.11
CA VAL B 33 -26.80 -6.19 4.69
C VAL B 33 -27.75 -6.06 5.89
N VAL B 34 -27.45 -6.67 7.04
CA VAL B 34 -28.18 -6.43 8.30
C VAL B 34 -28.11 -4.98 8.75
N GLY B 35 -26.95 -4.33 8.65
CA GLY B 35 -26.81 -2.90 8.86
C GLY B 35 -27.69 -2.05 7.94
N LEU B 36 -27.69 -2.32 6.64
CA LEU B 36 -28.51 -1.59 5.67
C LEU B 36 -30.01 -1.76 5.92
N VAL B 37 -30.47 -2.94 6.30
CA VAL B 37 -31.87 -3.16 6.67
C VAL B 37 -32.27 -2.30 7.87
N TYR B 38 -31.46 -2.25 8.93
CA TYR B 38 -31.75 -1.39 10.09
C TYR B 38 -31.79 0.10 9.71
N VAL B 39 -30.83 0.58 8.91
CA VAL B 39 -30.78 2.00 8.49
C VAL B 39 -32.01 2.38 7.69
N VAL B 40 -32.51 1.54 6.79
CA VAL B 40 -33.76 1.78 6.06
C VAL B 40 -34.97 1.82 7.00
N ILE B 41 -35.04 0.92 7.99
CA ILE B 41 -36.12 0.90 8.98
C ILE B 41 -36.10 2.17 9.84
N VAL B 42 -34.94 2.58 10.36
CA VAL B 42 -34.83 3.80 11.18
C VAL B 42 -35.09 5.06 10.37
N LEU B 43 -34.71 5.10 9.09
CA LEU B 43 -35.07 6.20 8.20
C LEU B 43 -36.59 6.27 7.95
N PHE B 44 -37.27 5.13 7.79
CA PHE B 44 -38.73 5.09 7.67
C PHE B 44 -39.42 5.58 8.95
N ILE B 45 -38.96 5.11 10.11
CA ILE B 45 -39.42 5.59 11.43
C ILE B 45 -39.15 7.10 11.60
N ALA B 46 -38.01 7.60 11.12
CA ALA B 46 -37.66 9.02 11.16
C ALA B 46 -38.56 9.88 10.27
N ILE B 47 -38.85 9.45 9.04
CA ILE B 47 -39.76 10.17 8.12
C ILE B 47 -41.17 10.17 8.70
N PHE B 48 -41.74 9.01 8.99
CA PHE B 48 -43.15 8.84 9.34
C PHE B 48 -43.43 8.92 10.86
N ALA B 49 -42.52 9.46 11.66
CA ALA B 49 -42.68 9.57 13.11
C ALA B 49 -44.01 10.21 13.53
N ASN B 50 -44.49 11.21 12.79
CA ASN B 50 -45.76 11.88 13.06
C ASN B 50 -46.96 10.94 13.07
N TRP B 51 -46.96 9.92 12.21
CA TRP B 51 -48.00 8.98 12.04
C TRP B 51 -47.83 7.69 12.79
N ILE B 52 -46.58 7.25 13.00
CA ILE B 52 -46.27 6.00 13.71
C ILE B 52 -46.29 6.20 15.24
N ALA B 53 -45.71 7.27 15.77
CA ALA B 53 -45.60 7.47 17.21
C ALA B 53 -46.99 7.54 17.85
N PRO B 54 -47.30 6.74 18.90
CA PRO B 54 -48.65 6.66 19.41
C PRO B 54 -49.13 7.94 20.09
N TYR B 55 -48.22 8.80 20.57
CA TYR B 55 -48.51 10.07 21.22
C TYR B 55 -47.47 11.12 20.89
N ASN B 56 -47.78 12.40 21.11
CA ASN B 56 -46.85 13.50 20.93
C ASN B 56 -45.70 13.39 21.95
N PRO B 57 -44.43 13.66 21.59
CA PRO B 57 -43.28 13.42 22.45
C PRO B 57 -43.18 14.33 23.67
N ALA B 58 -44.01 15.37 23.77
CA ALA B 58 -44.09 16.27 24.91
C ALA B 58 -45.38 16.13 25.72
N GLU B 59 -46.29 15.22 25.36
CA GLU B 59 -47.54 15.01 26.08
C GLU B 59 -47.34 14.20 27.37
N GLN B 60 -47.94 14.63 28.47
CA GLN B 60 -47.72 14.05 29.79
C GLN B 60 -48.94 13.28 30.29
N PHE B 61 -48.79 11.97 30.48
CA PHE B 61 -49.80 11.07 31.03
C PHE B 61 -49.62 10.92 32.53
N ARG B 62 -50.06 11.94 33.29
CA ARG B 62 -49.78 12.06 34.73
C ARG B 62 -50.49 11.02 35.60
N ASP B 63 -51.49 10.31 35.07
CA ASP B 63 -52.07 9.11 35.68
C ASP B 63 -51.19 7.86 35.54
N ALA B 64 -50.15 7.90 34.71
CA ALA B 64 -49.24 6.78 34.40
C ALA B 64 -47.77 7.21 34.52
N LEU B 65 -47.44 8.01 35.53
CA LEU B 65 -46.08 8.46 35.86
C LEU B 65 -45.19 7.28 36.28
N LEU B 66 -44.01 7.16 35.69
CA LEU B 66 -43.06 6.05 35.90
C LEU B 66 -43.72 4.67 35.81
N ALA B 67 -44.58 4.48 34.81
CA ALA B 67 -45.18 3.20 34.48
C ALA B 67 -44.18 2.32 33.71
N PRO B 68 -43.94 1.07 34.12
CA PRO B 68 -42.98 0.19 33.48
C PRO B 68 -43.46 -0.31 32.11
N PRO B 69 -42.60 -0.96 31.31
CA PRO B 69 -42.95 -1.49 30.01
C PRO B 69 -44.14 -2.45 30.06
N ALA B 70 -44.79 -2.68 28.92
CA ALA B 70 -46.03 -3.46 28.86
C ALA B 70 -45.90 -4.91 29.36
N TRP B 71 -44.69 -5.45 29.45
CA TRP B 71 -44.39 -6.79 29.93
C TRP B 71 -44.02 -6.90 31.42
N GLN B 72 -44.26 -5.87 32.22
CA GLN B 72 -44.06 -5.87 33.68
C GLN B 72 -45.36 -5.50 34.42
N GLU B 73 -45.48 -5.94 35.67
CA GLU B 73 -46.76 -6.05 36.38
C GLU B 73 -47.52 -4.72 36.59
N GLY B 74 -46.81 -3.60 36.69
CA GLY B 74 -47.42 -2.26 36.81
C GLY B 74 -47.75 -1.58 35.48
N GLY B 75 -47.37 -2.17 34.35
CA GLY B 75 -47.45 -1.56 33.01
C GLY B 75 -48.74 -1.88 32.27
N SER B 76 -48.90 -1.30 31.09
CA SER B 76 -50.00 -1.61 30.17
C SER B 76 -49.62 -1.36 28.72
N MET B 77 -50.34 -1.98 27.79
CA MET B 77 -50.11 -1.85 26.33
C MET B 77 -50.30 -0.43 25.81
N ALA B 78 -50.86 0.50 26.58
CA ALA B 78 -50.97 1.88 26.35
C ALA B 78 -49.63 2.57 26.26
N HIS B 79 -48.58 1.98 26.84
CA HIS B 79 -47.21 2.52 26.87
C HIS B 79 -46.16 1.40 26.75
N LEU B 80 -45.83 0.99 25.52
CA LEU B 80 -45.05 -0.21 25.25
C LEU B 80 -43.69 -0.26 25.98
N LEU B 81 -42.91 0.83 25.89
CA LEU B 81 -41.62 1.01 26.55
C LEU B 81 -41.67 1.93 27.78
N GLY B 82 -42.87 2.17 28.33
CA GLY B 82 -43.06 2.84 29.60
C GLY B 82 -43.06 4.36 29.52
N THR B 83 -43.06 5.00 30.68
CA THR B 83 -43.07 6.46 30.81
C THR B 83 -41.90 6.98 31.64
N ASP B 84 -41.51 8.22 31.39
CA ASP B 84 -40.47 8.92 32.14
C ASP B 84 -40.98 9.58 33.42
N ASP B 85 -40.10 10.32 34.09
CA ASP B 85 -40.35 10.96 35.39
C ASP B 85 -41.28 12.18 35.36
N VAL B 86 -41.90 12.48 34.22
CA VAL B 86 -43.01 13.45 34.10
C VAL B 86 -44.19 12.86 33.33
N GLY B 87 -44.17 11.56 33.04
CA GLY B 87 -45.26 10.82 32.42
C GLY B 87 -45.28 10.82 30.90
N ARG B 88 -44.20 11.22 30.22
CA ARG B 88 -44.13 11.19 28.75
C ARG B 88 -43.83 9.79 28.27
N ASP B 89 -44.41 9.41 27.14
CA ASP B 89 -44.23 8.09 26.55
C ASP B 89 -42.82 7.93 25.98
N VAL B 90 -42.13 6.84 26.31
CA VAL B 90 -40.73 6.65 25.91
C VAL B 90 -40.59 6.22 24.45
N LEU B 91 -41.51 5.44 23.86
CA LEU B 91 -41.48 4.95 22.54
C LEU B 91 -41.51 6.06 21.52
N SER B 92 -42.51 6.93 21.64
CA SER B 92 -42.65 8.10 20.79
C SER B 92 -41.44 9.02 20.89
N ARG B 93 -40.93 9.28 22.09
CA ARG B 93 -39.69 10.06 22.27
C ARG B 93 -38.50 9.40 21.58
N LEU B 94 -38.33 8.08 21.66
CA LEU B 94 -37.25 7.40 20.95
C LEU B 94 -37.32 7.58 19.43
N MET B 95 -38.49 7.52 18.81
CA MET B 95 -38.59 7.66 17.34
C MET B 95 -38.59 9.10 16.82
N TYR B 96 -39.14 10.07 17.55
CA TYR B 96 -38.82 11.47 17.26
C TYR B 96 -37.34 11.79 17.52
N GLY B 97 -36.67 11.13 18.47
CA GLY B 97 -35.22 11.19 18.65
C GLY B 97 -34.45 10.60 17.48
N ALA B 98 -34.93 9.49 16.91
CA ALA B 98 -34.36 8.91 15.69
C ALA B 98 -34.38 9.89 14.54
N ARG B 99 -35.47 10.65 14.41
CA ARG B 99 -35.58 11.72 13.42
C ARG B 99 -34.51 12.78 13.62
N LEU B 100 -34.34 13.35 14.82
CA LEU B 100 -33.30 14.38 15.06
C LEU B 100 -31.88 13.84 14.85
N SER B 101 -31.60 12.63 15.32
CA SER B 101 -30.30 11.96 15.20
C SER B 101 -29.84 11.81 13.73
N LEU B 102 -30.72 11.34 12.85
CA LEU B 102 -30.43 11.20 11.42
C LEU B 102 -30.32 12.55 10.69
N LEU B 103 -31.16 13.54 10.98
CA LEU B 103 -31.08 14.86 10.33
C LEU B 103 -29.78 15.60 10.67
N VAL B 104 -29.35 15.59 11.93
CA VAL B 104 -28.05 16.17 12.33
C VAL B 104 -26.89 15.42 11.71
N GLY B 105 -26.87 14.10 11.77
CA GLY B 105 -25.82 13.28 11.18
C GLY B 105 -25.67 13.49 9.67
N CYS B 106 -26.78 13.57 8.94
CA CYS B 106 -26.80 13.86 7.51
C CYS B 106 -26.24 15.26 7.19
N LEU B 107 -26.71 16.30 7.90
CA LEU B 107 -26.22 17.67 7.69
C LEU B 107 -24.72 17.81 7.98
N VAL B 108 -24.24 17.23 9.09
CA VAL B 108 -22.83 17.18 9.45
C VAL B 108 -22.00 16.48 8.38
N VAL B 109 -22.37 15.26 7.97
CA VAL B 109 -21.59 14.51 6.98
C VAL B 109 -21.54 15.21 5.61
N VAL B 110 -22.66 15.72 5.08
CA VAL B 110 -22.68 16.37 3.76
C VAL B 110 -21.81 17.63 3.72
N LEU B 111 -21.95 18.52 4.70
CA LEU B 111 -21.18 19.77 4.74
C LEU B 111 -19.69 19.53 4.98
N SER B 112 -19.33 18.64 5.92
CA SER B 112 -17.92 18.29 6.16
C SER B 112 -17.29 17.57 4.97
N LEU B 113 -18.04 16.74 4.24
CA LEU B 113 -17.54 16.07 3.04
C LEU B 113 -17.29 17.04 1.89
N ILE B 114 -18.24 17.94 1.58
CA ILE B 114 -18.04 18.94 0.51
C ILE B 114 -16.83 19.83 0.79
N MET B 115 -16.79 20.49 1.93
CA MET B 115 -15.72 21.44 2.23
C MET B 115 -14.37 20.74 2.41
N GLY B 116 -14.35 19.55 3.00
CA GLY B 116 -13.13 18.78 3.21
C GLY B 116 -12.51 18.22 1.93
N VAL B 117 -13.31 17.72 1.00
CA VAL B 117 -12.82 17.23 -0.30
C VAL B 117 -12.21 18.36 -1.13
N ILE B 118 -12.87 19.52 -1.22
CA ILE B 118 -12.36 20.66 -1.98
C ILE B 118 -11.03 21.14 -1.40
N LEU B 119 -10.94 21.36 -0.09
CA LEU B 119 -9.68 21.77 0.54
C LEU B 119 -8.59 20.70 0.44
N GLY B 120 -8.93 19.42 0.46
CA GLY B 120 -7.97 18.34 0.28
C GLY B 120 -7.46 18.17 -1.15
N LEU B 121 -8.31 18.37 -2.17
CA LEU B 121 -7.89 18.43 -3.57
C LEU B 121 -7.00 19.65 -3.82
N ILE B 122 -7.40 20.83 -3.33
CA ILE B 122 -6.61 22.06 -3.43
C ILE B 122 -5.26 21.90 -2.71
N ALA B 123 -5.18 21.25 -1.55
CA ALA B 123 -3.92 20.95 -0.88
C ALA B 123 -3.07 19.92 -1.67
N GLY B 124 -3.62 18.76 -1.98
CA GLY B 124 -2.90 17.64 -2.59
C GLY B 124 -2.47 17.87 -4.04
N TYR B 125 -3.22 18.63 -4.83
CA TYR B 125 -2.86 18.92 -6.22
C TYR B 125 -1.86 20.06 -6.36
N PHE B 126 -2.11 21.22 -5.76
CA PHE B 126 -1.25 22.41 -5.92
C PHE B 126 0.02 22.35 -5.06
N GLY B 127 0.03 21.61 -3.95
CA GLY B 127 1.20 21.48 -3.08
C GLY B 127 1.65 22.81 -2.49
N GLY B 128 2.96 22.94 -2.27
CA GLY B 128 3.61 24.22 -1.97
C GLY B 128 3.04 24.97 -0.76
N LEU B 129 2.88 26.29 -0.90
CA LEU B 129 2.39 27.15 0.17
C LEU B 129 0.94 26.83 0.55
N VAL B 130 0.11 26.44 -0.41
CA VAL B 130 -1.30 26.12 -0.20
C VAL B 130 -1.46 24.89 0.69
N ASP B 131 -0.70 23.83 0.41
CA ASP B 131 -0.66 22.63 1.24
C ASP B 131 -0.14 22.93 2.65
N ASN B 132 0.91 23.75 2.79
CA ASN B 132 1.43 24.10 4.10
C ASN B 132 0.43 24.91 4.93
N ILE B 133 -0.18 25.96 4.37
CA ILE B 133 -1.21 26.74 5.07
C ILE B 133 -2.39 25.86 5.49
N ILE B 134 -2.96 25.07 4.56
CA ILE B 134 -4.12 24.21 4.88
C ILE B 134 -3.75 23.19 5.94
N MET B 135 -2.63 22.47 5.79
CA MET B 135 -2.28 21.41 6.74
C MET B 135 -1.88 21.95 8.11
N ARG B 136 -1.27 23.13 8.25
CA ARG B 136 -1.02 23.73 9.57
C ARG B 136 -2.31 24.14 10.28
N VAL B 137 -3.29 24.71 9.59
CA VAL B 137 -4.61 25.00 10.20
C VAL B 137 -5.31 23.73 10.66
N VAL B 138 -5.29 22.68 9.85
CA VAL B 138 -5.82 21.35 10.19
C VAL B 138 -5.12 20.75 11.39
N ASP B 139 -3.79 20.80 11.47
CA ASP B 139 -3.04 20.32 12.63
C ASP B 139 -3.29 21.13 13.91
N ILE B 140 -3.54 22.45 13.80
CA ILE B 140 -3.93 23.29 14.95
C ILE B 140 -5.30 22.88 15.49
N MET B 141 -6.32 22.72 14.65
CA MET B 141 -7.65 22.38 15.15
C MET B 141 -7.82 20.91 15.56
N LEU B 142 -6.87 20.02 15.21
CA LEU B 142 -6.72 18.69 15.81
C LEU B 142 -5.87 18.66 17.09
N ALA B 143 -5.36 19.80 17.59
CA ALA B 143 -4.63 19.84 18.86
C ALA B 143 -5.53 19.59 20.09
N LEU B 144 -6.86 19.63 19.92
CA LEU B 144 -7.84 19.28 20.95
C LEU B 144 -8.67 18.06 20.48
N PRO B 145 -9.17 17.22 21.40
CA PRO B 145 -10.17 16.23 21.11
C PRO B 145 -11.38 16.81 20.45
N SER B 146 -11.99 16.10 19.49
CA SER B 146 -13.12 16.60 18.69
C SER B 146 -14.27 17.10 19.58
N LEU B 147 -14.64 16.30 20.58
CA LEU B 147 -15.71 16.63 21.52
C LEU B 147 -15.36 17.84 22.40
N LEU B 148 -14.12 17.97 22.90
CA LEU B 148 -13.75 19.12 23.73
C LEU B 148 -13.80 20.43 22.95
N LEU B 149 -13.34 20.43 21.69
CA LEU B 149 -13.45 21.60 20.83
C LEU B 149 -14.91 21.94 20.47
N ALA B 150 -15.74 20.94 20.18
CA ALA B 150 -17.16 21.15 19.98
C ALA B 150 -17.83 21.73 21.22
N LEU B 151 -17.54 21.21 22.41
CA LEU B 151 -18.07 21.73 23.67
C LEU B 151 -17.68 23.20 23.89
N VAL B 152 -16.42 23.57 23.66
CA VAL B 152 -15.96 24.96 23.78
C VAL B 152 -16.70 25.87 22.82
N LEU B 153 -16.87 25.48 21.54
CA LEU B 153 -17.59 26.32 20.59
C LEU B 153 -19.05 26.48 20.95
N VAL B 154 -19.73 25.41 21.38
CA VAL B 154 -21.14 25.46 21.78
C VAL B 154 -21.30 26.20 23.11
N ALA B 155 -20.33 26.21 24.01
CA ALA B 155 -20.34 27.05 25.21
C ALA B 155 -20.04 28.54 24.93
N ILE B 156 -19.26 28.88 23.89
CA ILE B 156 -19.06 30.28 23.46
C ILE B 156 -20.33 30.81 22.77
N PHE B 157 -21.01 30.01 21.96
CA PHE B 157 -22.10 30.33 21.11
C PHE B 157 -23.46 29.96 21.63
N GLY B 158 -23.58 29.43 22.85
CA GLY B 158 -24.82 28.99 23.49
C GLY B 158 -25.29 27.59 23.02
N PRO B 159 -25.81 26.73 23.91
CA PRO B 159 -26.30 25.42 23.55
C PRO B 159 -27.65 25.48 22.82
N SER B 160 -27.70 24.89 21.64
CA SER B 160 -28.91 24.63 20.85
C SER B 160 -28.60 23.56 19.81
N ILE B 161 -29.62 22.89 19.25
CA ILE B 161 -29.42 21.81 18.26
C ILE B 161 -28.68 22.28 17.00
N GLY B 162 -28.92 23.51 16.54
CA GLY B 162 -28.26 24.11 15.49
C GLY B 162 -26.84 24.43 15.69
N ASN B 163 -26.50 25.02 16.78
CA ASN B 163 -25.19 25.30 17.24
C ASN B 163 -24.37 24.04 17.37
N ALA B 164 -24.94 23.00 17.98
CA ALA B 164 -24.27 21.72 18.12
C ALA B 164 -23.95 21.12 16.75
N ALA B 165 -24.88 21.18 15.80
CA ALA B 165 -24.64 20.65 14.46
C ALA B 165 -23.57 21.43 13.69
N LEU B 166 -23.53 22.75 13.79
CA LEU B 166 -22.47 23.57 13.17
C LEU B 166 -21.10 23.33 13.80
N ALA B 167 -21.03 23.17 15.13
CA ALA B 167 -19.80 22.79 15.80
C ALA B 167 -19.29 21.43 15.32
N LEU B 168 -20.16 20.42 15.27
CA LEU B 168 -19.82 19.09 14.77
C LEU B 168 -19.41 19.07 13.30
N THR B 169 -20.02 19.91 12.46
CA THR B 169 -19.62 20.11 11.06
C THR B 169 -18.20 20.65 10.95
N PHE B 170 -17.85 21.65 11.76
CA PHE B 170 -16.56 22.30 11.75
C PHE B 170 -15.43 21.39 12.23
N VAL B 171 -15.58 20.75 13.40
CA VAL B 171 -14.55 19.87 13.96
C VAL B 171 -14.30 18.59 13.17
N ALA B 172 -15.21 18.20 12.27
CA ALA B 172 -15.06 17.05 11.39
C ALA B 172 -14.26 17.33 10.09
N LEU B 173 -14.11 18.58 9.63
CA LEU B 173 -13.36 18.91 8.40
C LEU B 173 -11.93 18.35 8.35
N PRO B 174 -11.10 18.42 9.40
CA PRO B 174 -9.76 17.85 9.43
C PRO B 174 -9.64 16.44 8.88
N HIS B 175 -10.58 15.56 9.20
CA HIS B 175 -10.51 14.16 8.81
C HIS B 175 -10.71 13.99 7.31
N TYR B 176 -11.66 14.72 6.73
CA TYR B 176 -11.89 14.73 5.29
C TYR B 176 -10.79 15.43 4.53
N VAL B 177 -10.22 16.53 5.05
CA VAL B 177 -9.07 17.20 4.44
C VAL B 177 -7.86 16.29 4.42
N ARG B 178 -7.47 15.75 5.58
CA ARG B 178 -6.31 14.87 5.74
C ARG B 178 -6.43 13.59 4.91
N LEU B 179 -7.59 12.93 4.89
CA LEU B 179 -7.83 11.75 4.05
C LEU B 179 -7.80 12.06 2.55
N THR B 180 -8.47 13.12 2.10
CA THR B 180 -8.48 13.48 0.68
C THR B 180 -7.10 13.87 0.21
N ARG B 181 -6.39 14.72 0.98
CA ARG B 181 -5.02 15.14 0.69
C ARG B 181 -4.08 13.94 0.63
N ALA B 182 -4.25 12.96 1.50
CA ALA B 182 -3.49 11.71 1.46
C ALA B 182 -3.77 10.87 0.21
N ALA B 183 -5.03 10.72 -0.21
CA ALA B 183 -5.40 9.99 -1.42
C ALA B 183 -4.91 10.70 -2.69
N VAL B 184 -5.07 12.01 -2.79
CA VAL B 184 -4.66 12.80 -3.96
C VAL B 184 -3.16 12.70 -4.22
N LEU B 185 -2.30 12.76 -3.19
CA LEU B 185 -0.86 12.60 -3.37
C LEU B 185 -0.46 11.19 -3.86
N VAL B 186 -1.26 10.16 -3.58
CA VAL B 186 -1.06 8.81 -4.11
C VAL B 186 -1.48 8.70 -5.58
N GLU B 187 -2.46 9.47 -6.03
CA GLU B 187 -2.87 9.53 -7.44
C GLU B 187 -2.00 10.47 -8.29
N VAL B 188 -1.61 11.64 -7.78
CA VAL B 188 -0.91 12.68 -8.56
C VAL B 188 0.45 12.24 -9.12
N ASN B 189 1.12 11.28 -8.47
CA ASN B 189 2.39 10.74 -8.95
C ASN B 189 2.23 9.71 -10.09
N ARG B 190 1.01 9.22 -10.38
CA ARG B 190 0.76 8.13 -11.33
C ARG B 190 0.79 8.59 -12.78
N ASP B 191 1.01 7.64 -13.67
CA ASP B 191 1.21 7.92 -15.09
C ASP B 191 -0.06 8.47 -15.74
N TYR B 192 -1.26 8.09 -15.32
CA TYR B 192 -2.49 8.61 -15.94
C TYR B 192 -2.74 10.11 -15.64
N VAL B 193 -2.35 10.62 -14.48
CA VAL B 193 -2.38 12.07 -14.19
C VAL B 193 -1.33 12.81 -15.02
N THR B 194 -0.16 12.19 -15.22
CA THR B 194 0.92 12.73 -16.05
C THR B 194 0.56 12.74 -17.53
N ALA B 195 -0.01 11.67 -18.06
CA ALA B 195 -0.48 11.58 -19.44
C ALA B 195 -1.56 12.63 -19.75
N SER B 196 -2.46 12.87 -18.79
CA SER B 196 -3.45 13.94 -18.88
C SER B 196 -2.82 15.32 -18.89
N ARG B 197 -1.75 15.57 -18.12
CA ARG B 197 -1.00 16.84 -18.16
C ARG B 197 -0.26 17.06 -19.47
N VAL B 198 0.36 16.01 -20.04
CA VAL B 198 1.00 16.06 -21.38
C VAL B 198 -0.02 16.35 -22.47
N ALA B 199 -1.23 15.79 -22.37
CA ALA B 199 -2.35 16.11 -23.26
C ALA B 199 -2.92 17.53 -23.06
N GLY B 200 -2.53 18.27 -22.02
CA GLY B 200 -2.91 19.69 -21.83
C GLY B 200 -4.00 19.98 -20.79
N ALA B 201 -4.41 19.01 -19.95
CA ALA B 201 -5.47 19.22 -18.96
C ALA B 201 -5.11 20.29 -17.92
N GLY B 202 -6.00 21.26 -17.71
CA GLY B 202 -5.87 22.29 -16.69
C GLY B 202 -6.21 21.80 -15.28
N ALA B 203 -5.89 22.58 -14.26
CA ALA B 203 -6.06 22.21 -12.85
C ALA B 203 -7.49 21.78 -12.49
N MET B 204 -8.53 22.49 -12.96
CA MET B 204 -9.92 22.15 -12.68
C MET B 204 -10.31 20.77 -13.21
N ARG B 205 -9.90 20.45 -14.43
CA ARG B 205 -10.09 19.14 -15.06
C ARG B 205 -9.28 18.06 -14.38
N GLN B 206 -8.03 18.33 -14.04
CA GLN B 206 -7.17 17.39 -13.33
C GLN B 206 -7.76 16.98 -11.98
N MET B 207 -8.17 17.95 -11.16
CA MET B 207 -8.76 17.67 -9.85
C MET B 207 -10.09 16.94 -9.96
N PHE B 208 -11.11 17.57 -10.57
CA PHE B 208 -12.49 17.11 -10.44
C PHE B 208 -12.94 16.07 -11.48
N ILE B 209 -12.32 16.03 -12.66
CA ILE B 209 -12.67 15.07 -13.71
C ILE B 209 -11.74 13.85 -13.70
N ASN B 210 -10.44 14.00 -13.39
CA ASN B 210 -9.49 12.89 -13.43
C ASN B 210 -9.09 12.30 -12.05
N ILE B 211 -8.65 13.09 -11.09
CA ILE B 211 -8.18 12.58 -9.77
C ILE B 211 -9.33 12.24 -8.83
N PHE B 212 -10.38 13.06 -8.73
CA PHE B 212 -11.47 12.85 -7.78
C PHE B 212 -12.21 11.51 -7.90
N PRO B 213 -12.59 10.99 -9.09
CA PRO B 213 -13.21 9.68 -9.22
C PRO B 213 -12.42 8.53 -8.58
N ASN B 214 -11.10 8.67 -8.51
CA ASN B 214 -10.19 7.71 -7.87
C ASN B 214 -10.09 7.90 -6.34
N CYS B 215 -10.30 9.12 -5.83
CA CYS B 215 -10.37 9.41 -4.40
C CYS B 215 -11.72 9.05 -3.75
N LEU B 216 -12.76 8.85 -4.54
CA LEU B 216 -14.13 8.64 -4.08
C LEU B 216 -14.34 7.33 -3.30
N ALA B 217 -13.57 6.28 -3.57
CA ALA B 217 -13.66 5.02 -2.84
C ALA B 217 -13.35 5.16 -1.32
N PRO B 218 -12.19 5.70 -0.89
CA PRO B 218 -11.96 6.09 0.50
C PRO B 218 -13.02 6.99 1.15
N LEU B 219 -13.57 7.94 0.40
CA LEU B 219 -14.56 8.89 0.91
C LEU B 219 -15.94 8.27 1.16
N ILE B 220 -16.39 7.33 0.32
CA ILE B 220 -17.67 6.62 0.54
C ILE B 220 -17.65 5.82 1.84
N VAL B 221 -16.53 5.18 2.19
CA VAL B 221 -16.41 4.53 3.51
C VAL B 221 -16.27 5.55 4.66
N GLN B 222 -15.49 6.63 4.51
CA GLN B 222 -15.33 7.64 5.55
C GLN B 222 -16.66 8.33 5.92
N ALA B 223 -17.58 8.55 4.98
CA ALA B 223 -18.91 9.09 5.28
C ALA B 223 -19.72 8.21 6.26
N SER B 224 -19.55 6.89 6.24
CA SER B 224 -20.23 5.98 7.17
C SER B 224 -19.69 6.13 8.61
N LEU B 225 -18.37 6.24 8.78
CA LEU B 225 -17.73 6.58 10.05
C LEU B 225 -18.13 8.00 10.49
N GLY B 226 -18.27 8.94 9.57
CA GLY B 226 -18.78 10.28 9.84
C GLY B 226 -20.18 10.29 10.41
N PHE B 227 -21.11 9.49 9.86
CA PHE B 227 -22.46 9.34 10.39
C PHE B 227 -22.44 8.80 11.82
N SER B 228 -21.69 7.72 12.06
CA SER B 228 -21.46 7.16 13.38
C SER B 228 -20.92 8.17 14.39
N ASN B 229 -19.87 8.91 14.04
CA ASN B 229 -19.28 9.92 14.91
C ASN B 229 -20.21 11.10 15.16
N ALA B 230 -20.96 11.57 14.16
CA ALA B 230 -21.94 12.63 14.33
C ALA B 230 -23.07 12.23 15.29
N ILE B 231 -23.52 10.98 15.23
CA ILE B 231 -24.53 10.44 16.16
C ILE B 231 -23.96 10.30 17.57
N LEU B 232 -22.76 9.72 17.74
CA LEU B 232 -22.13 9.62 19.06
C LEU B 232 -21.84 10.98 19.67
N ASP B 233 -21.24 11.90 18.92
CA ASP B 233 -20.87 13.21 19.43
C ASP B 233 -22.08 14.13 19.67
N MET B 234 -23.15 14.03 18.88
CA MET B 234 -24.40 14.75 19.17
C MET B 234 -25.05 14.23 20.45
N ALA B 235 -25.09 12.92 20.65
CA ALA B 235 -25.58 12.31 21.89
C ALA B 235 -24.68 12.67 23.09
N ALA B 236 -23.36 12.73 22.92
CA ALA B 236 -22.44 13.21 23.95
C ALA B 236 -22.68 14.68 24.30
N LEU B 237 -22.82 15.55 23.31
CA LEU B 237 -23.15 16.97 23.56
C LEU B 237 -24.49 17.10 24.29
N GLY B 238 -25.52 16.36 23.88
CA GLY B 238 -26.82 16.38 24.54
C GLY B 238 -26.79 15.86 25.98
N PHE B 239 -26.04 14.80 26.26
CA PHE B 239 -25.86 14.26 27.61
C PHE B 239 -25.24 15.30 28.56
N LEU B 240 -24.21 16.01 28.09
CA LEU B 240 -23.48 17.02 28.87
C LEU B 240 -24.21 18.38 28.96
N GLY B 241 -25.45 18.47 28.51
CA GLY B 241 -26.27 19.68 28.51
C GLY B 241 -25.89 20.72 27.44
N MET B 242 -24.78 20.53 26.73
CA MET B 242 -24.23 21.44 25.73
C MET B 242 -24.69 21.09 24.31
N GLY B 243 -25.98 20.82 24.11
CA GLY B 243 -26.50 20.33 22.84
C GLY B 243 -27.97 20.70 22.64
N ALA B 244 -28.79 19.73 22.25
CA ALA B 244 -30.24 19.89 22.21
C ALA B 244 -30.80 20.17 23.61
N GLN B 245 -31.82 21.04 23.71
CA GLN B 245 -32.33 21.52 25.00
C GLN B 245 -33.36 20.56 25.63
N PRO B 246 -33.54 20.58 26.96
CA PRO B 246 -34.28 19.58 27.73
C PRO B 246 -35.67 19.12 27.24
N PRO B 247 -36.57 19.97 26.70
CA PRO B 247 -37.87 19.47 26.22
C PRO B 247 -37.77 18.56 24.98
N THR B 248 -36.70 18.67 24.19
CA THR B 248 -36.54 17.95 22.91
C THR B 248 -36.32 16.43 23.09
N PRO B 249 -36.79 15.59 22.16
CA PRO B 249 -36.72 14.13 22.26
C PRO B 249 -35.36 13.51 21.86
N GLU B 250 -34.27 14.25 21.88
CA GLU B 250 -32.96 13.77 21.43
C GLU B 250 -32.38 12.71 22.41
N TRP B 251 -31.82 11.62 21.89
CA TRP B 251 -31.44 10.44 22.68
C TRP B 251 -30.43 10.69 23.80
N GLY B 252 -29.40 11.50 23.58
CA GLY B 252 -28.46 11.89 24.62
C GLY B 252 -29.11 12.77 25.67
N THR B 253 -29.99 13.68 25.27
CA THR B 253 -30.75 14.54 26.17
C THR B 253 -31.64 13.72 27.07
N MET B 254 -32.26 12.65 26.56
CA MET B 254 -33.03 11.71 27.37
C MET B 254 -32.20 11.01 28.46
N LEU B 255 -30.86 10.95 28.32
CA LEU B 255 -29.93 10.40 29.29
C LEU B 255 -29.26 11.46 30.19
N SER B 256 -29.51 12.75 29.99
CA SER B 256 -29.07 13.77 30.93
C SER B 256 -29.85 13.68 32.24
N ASP B 257 -29.16 13.61 33.36
CA ASP B 257 -29.74 13.51 34.72
C ASP B 257 -30.78 12.39 34.92
N VAL B 258 -30.47 11.17 34.45
CA VAL B 258 -31.29 9.95 34.68
C VAL B 258 -30.68 8.92 35.63
N LEU B 259 -29.45 9.10 36.09
CA LEU B 259 -28.73 8.04 36.81
C LEU B 259 -29.39 7.66 38.15
N GLN B 260 -30.16 8.57 38.76
CA GLN B 260 -30.96 8.27 39.95
C GLN B 260 -32.07 7.24 39.69
N PHE B 261 -32.42 6.95 38.43
CA PHE B 261 -33.41 5.94 38.06
C PHE B 261 -32.83 4.52 37.86
N ALA B 262 -31.54 4.29 38.03
CA ALA B 262 -30.94 2.97 37.80
C ALA B 262 -31.56 1.87 38.67
N GLN B 263 -32.04 2.20 39.86
CA GLN B 263 -32.72 1.25 40.76
C GLN B 263 -34.22 1.15 40.49
N SER B 264 -34.90 2.28 40.26
CA SER B 264 -36.35 2.35 40.20
C SER B 264 -36.97 2.26 38.80
N ALA B 265 -36.27 2.67 37.74
CA ALA B 265 -36.77 2.70 36.38
C ALA B 265 -35.68 2.45 35.33
N TRP B 266 -35.27 1.19 35.19
CA TRP B 266 -34.25 0.74 34.25
C TRP B 266 -34.53 1.10 32.78
N TRP B 267 -35.80 1.23 32.37
CA TRP B 267 -36.18 1.49 30.98
C TRP B 267 -35.76 2.88 30.50
N VAL B 268 -35.77 3.89 31.40
CA VAL B 268 -35.32 5.26 31.12
C VAL B 268 -33.84 5.29 30.80
N VAL B 269 -33.02 4.56 31.55
CA VAL B 269 -31.58 4.43 31.33
C VAL B 269 -31.26 3.55 30.12
N THR B 270 -31.99 2.44 29.90
CA THR B 270 -31.65 1.43 28.90
C THR B 270 -31.95 1.86 27.46
N PHE B 271 -33.19 2.22 27.14
CA PHE B 271 -33.62 2.22 25.75
C PHE B 271 -33.04 3.35 24.89
N PRO B 272 -32.90 4.60 25.36
CA PRO B 272 -32.18 5.63 24.62
C PRO B 272 -30.74 5.25 24.24
N GLY B 273 -30.05 4.51 25.09
CA GLY B 273 -28.70 4.02 24.79
C GLY B 273 -28.66 2.88 23.78
N LEU B 274 -29.60 1.93 23.84
CA LEU B 274 -29.75 0.95 22.77
C LEU B 274 -30.10 1.61 21.44
N ALA B 275 -30.94 2.64 21.41
CA ALA B 275 -31.22 3.36 20.18
C ALA B 275 -29.97 4.00 19.58
N ILE B 276 -29.10 4.62 20.39
CA ILE B 276 -27.80 5.14 19.95
C ILE B 276 -26.93 3.98 19.47
N LEU B 277 -26.63 3.01 20.33
CA LEU B 277 -25.70 1.91 20.05
C LEU B 277 -26.12 1.14 18.81
N LEU B 278 -27.39 0.75 18.70
CA LEU B 278 -27.90 0.09 17.56
C LEU B 278 -27.69 0.87 16.30
N THR B 279 -27.97 2.18 16.29
CA THR B 279 -27.82 2.99 15.09
C THR B 279 -26.37 3.16 14.66
N VAL B 280 -25.45 3.43 15.59
CA VAL B 280 -24.02 3.57 15.31
C VAL B 280 -23.42 2.25 14.83
N LEU B 281 -23.82 1.13 15.42
CA LEU B 281 -23.39 -0.21 15.01
C LEU B 281 -23.85 -0.54 13.60
N ALA B 282 -25.06 -0.14 13.22
CA ALA B 282 -25.56 -0.35 11.87
C ALA B 282 -24.76 0.43 10.81
N PHE B 283 -24.41 1.69 11.05
CA PHE B 283 -23.53 2.45 10.16
C PHE B 283 -22.10 1.91 10.14
N ASN B 284 -21.56 1.42 11.25
CA ASN B 284 -20.23 0.81 11.28
C ASN B 284 -20.17 -0.56 10.57
N LEU B 285 -21.19 -1.42 10.69
CA LEU B 285 -21.34 -2.66 9.93
C LEU B 285 -21.41 -2.38 8.43
N MET B 286 -22.26 -1.44 8.04
CA MET B 286 -22.39 -0.99 6.65
C MET B 286 -21.08 -0.42 6.12
N GLY B 287 -20.35 0.36 6.91
CA GLY B 287 -19.04 0.91 6.54
C GLY B 287 -17.98 -0.14 6.23
N ASP B 288 -17.83 -1.17 7.06
CA ASP B 288 -16.94 -2.28 6.74
C ASP B 288 -17.43 -3.10 5.53
N GLY B 289 -18.74 -3.13 5.25
CA GLY B 289 -19.25 -3.62 3.95
C GLY B 289 -18.77 -2.80 2.76
N LEU B 290 -18.82 -1.46 2.84
CA LEU B 290 -18.31 -0.56 1.81
C LEU B 290 -16.80 -0.74 1.61
N ARG B 291 -16.04 -0.93 2.69
CA ARG B 291 -14.59 -1.23 2.67
C ARG B 291 -14.28 -2.52 1.92
N ASP B 292 -14.98 -3.61 2.25
CA ASP B 292 -14.86 -4.91 1.55
C ASP B 292 -15.22 -4.84 0.06
N ALA B 293 -16.17 -3.99 -0.33
CA ALA B 293 -16.64 -3.87 -1.71
C ALA B 293 -15.81 -2.93 -2.58
N LEU B 294 -15.26 -1.84 -2.02
CA LEU B 294 -14.53 -0.82 -2.76
C LEU B 294 -13.02 -1.08 -2.84
N ASP B 295 -12.42 -1.74 -1.85
CA ASP B 295 -11.01 -2.17 -1.92
C ASP B 295 -10.85 -3.50 -2.69
N PRO B 296 -9.72 -3.73 -3.40
CA PRO B 296 -9.41 -4.99 -4.08
C PRO B 296 -8.97 -6.10 -3.10
N LYS B 297 -9.72 -6.29 -2.01
CA LYS B 297 -9.33 -7.04 -0.81
C LYS B 297 -9.63 -8.55 -0.86
N LEU B 298 -10.60 -8.97 -1.68
CA LEU B 298 -11.23 -10.31 -1.67
C LEU B 298 -11.22 -10.96 -3.08
N LEU C 3 16.24 -38.01 -6.97
CA LEU C 3 16.21 -37.01 -5.87
C LEU C 3 14.82 -36.47 -5.65
N LEU C 4 14.30 -35.61 -6.53
CA LEU C 4 12.89 -35.19 -6.51
C LEU C 4 12.13 -35.97 -7.58
N ASN C 5 10.99 -36.56 -7.22
CA ASN C 5 10.19 -37.36 -8.14
C ASN C 5 8.71 -37.00 -8.00
N VAL C 6 8.22 -36.15 -8.90
CA VAL C 6 6.85 -35.64 -8.91
C VAL C 6 6.03 -36.48 -9.89
N ASP C 7 4.91 -37.05 -9.45
CA ASP C 7 4.01 -37.81 -10.32
C ASP C 7 2.52 -37.52 -10.08
N LYS C 8 1.80 -37.28 -11.17
CA LYS C 8 0.40 -36.84 -11.25
C LYS C 8 0.07 -35.64 -10.37
N LEU C 9 1.03 -34.74 -10.10
CA LEU C 9 0.81 -33.57 -9.25
C LEU C 9 -0.23 -32.63 -9.84
N SER C 10 -1.19 -32.26 -9.02
CA SER C 10 -2.24 -31.30 -9.34
C SER C 10 -2.39 -30.30 -8.19
N VAL C 11 -2.56 -29.03 -8.52
CA VAL C 11 -2.82 -27.95 -7.57
C VAL C 11 -4.05 -27.19 -8.02
N HIS C 12 -5.05 -27.08 -7.15
CA HIS C 12 -6.35 -26.50 -7.45
C HIS C 12 -6.68 -25.34 -6.51
N PHE C 13 -7.41 -24.36 -7.02
CA PHE C 13 -7.99 -23.25 -6.25
C PHE C 13 -9.50 -23.16 -6.49
N GLY C 14 -10.24 -22.66 -5.51
CA GLY C 14 -11.71 -22.52 -5.60
C GLY C 14 -12.47 -23.81 -5.33
N ASP C 15 -13.79 -23.77 -5.50
CA ASP C 15 -14.71 -24.86 -5.15
C ASP C 15 -14.50 -26.13 -6.00
N GLU C 16 -14.61 -27.30 -5.38
CA GLU C 16 -14.33 -28.59 -6.01
C GLU C 16 -15.30 -28.97 -7.15
N SER C 17 -16.45 -28.30 -7.29
CA SER C 17 -17.34 -28.49 -8.43
C SER C 17 -16.85 -27.81 -9.72
N ALA C 18 -15.97 -26.81 -9.61
CA ALA C 18 -15.42 -26.06 -10.74
C ALA C 18 -14.03 -25.45 -10.39
N PRO C 19 -13.01 -26.28 -10.14
CA PRO C 19 -11.73 -25.79 -9.64
C PRO C 19 -10.93 -25.08 -10.73
N PHE C 20 -10.17 -24.05 -10.34
CA PHE C 20 -9.09 -23.53 -11.19
C PHE C 20 -7.89 -24.47 -11.08
N ARG C 21 -7.62 -25.23 -12.14
CA ARG C 21 -6.54 -26.22 -12.21
C ARG C 21 -5.21 -25.54 -12.54
N ALA C 22 -4.61 -24.86 -11.58
CA ALA C 22 -3.38 -24.10 -11.75
C ALA C 22 -2.18 -24.97 -12.13
N VAL C 23 -2.13 -26.20 -11.64
CA VAL C 23 -1.24 -27.28 -12.08
C VAL C 23 -2.08 -28.54 -12.25
N ASP C 24 -1.88 -29.31 -13.32
CA ASP C 24 -2.84 -30.31 -13.80
C ASP C 24 -2.13 -31.58 -14.27
N ARG C 25 -2.02 -32.57 -13.38
CA ARG C 25 -1.41 -33.90 -13.59
C ARG C 25 -0.01 -33.87 -14.20
N ILE C 26 0.85 -32.96 -13.73
CA ILE C 26 2.24 -32.87 -14.18
C ILE C 26 3.14 -33.93 -13.52
N SER C 27 4.20 -34.33 -14.21
CA SER C 27 5.20 -35.25 -13.69
C SER C 27 6.57 -34.87 -14.22
N TYR C 28 7.55 -34.82 -13.32
CA TYR C 28 8.95 -34.62 -13.64
C TYR C 28 9.84 -35.11 -12.50
N SER C 29 11.10 -35.37 -12.80
CA SER C 29 12.12 -35.81 -11.93
C SER C 29 13.39 -35.01 -12.04
N VAL C 30 14.09 -34.80 -10.93
CA VAL C 30 15.39 -34.09 -10.89
C VAL C 30 16.44 -35.01 -10.28
N LYS C 31 17.56 -35.25 -10.95
CA LYS C 31 18.72 -35.99 -10.44
C LYS C 31 19.65 -35.08 -9.63
N GLN C 32 20.46 -35.62 -8.72
CA GLN C 32 21.43 -34.78 -8.00
C GLN C 32 22.55 -34.33 -8.94
N GLY C 33 22.87 -33.04 -8.93
CA GLY C 33 23.86 -32.42 -9.83
C GLY C 33 23.30 -31.98 -11.18
N GLU C 34 22.01 -32.14 -11.43
CA GLU C 34 21.32 -31.70 -12.66
C GLU C 34 20.81 -30.26 -12.54
N VAL C 35 20.82 -29.51 -13.65
CA VAL C 35 20.12 -28.22 -13.76
C VAL C 35 18.88 -28.39 -14.64
N VAL C 36 17.70 -28.16 -14.07
CA VAL C 36 16.42 -28.29 -14.76
C VAL C 36 15.76 -26.93 -14.90
N GLY C 37 15.49 -26.52 -16.13
CA GLY C 37 14.75 -25.31 -16.44
C GLY C 37 13.26 -25.58 -16.57
N ILE C 38 12.42 -24.73 -16.01
CA ILE C 38 10.97 -24.75 -16.19
C ILE C 38 10.56 -23.43 -16.86
N VAL C 39 10.18 -23.52 -18.13
CA VAL C 39 9.88 -22.39 -19.03
C VAL C 39 8.38 -22.32 -19.24
N GLY C 40 7.80 -21.13 -19.14
CA GLY C 40 6.48 -20.83 -19.41
C GLY C 40 6.05 -19.43 -19.39
N GLU C 41 4.98 -19.07 -20.00
CA GLU C 41 4.36 -17.81 -20.06
C GLU C 41 3.57 -17.53 -18.81
N SER C 42 2.88 -16.45 -18.70
CA SER C 42 1.96 -16.13 -17.69
C SER C 42 0.85 -17.14 -17.62
N GLY C 43 0.40 -17.54 -16.43
CA GLY C 43 -0.70 -18.51 -16.28
C GLY C 43 -0.32 -19.96 -16.55
N SER C 44 0.97 -20.26 -16.73
CA SER C 44 1.50 -21.60 -16.98
C SER C 44 1.54 -22.52 -15.77
N GLY C 45 1.45 -22.02 -14.54
CA GLY C 45 1.51 -22.82 -13.30
C GLY C 45 2.91 -23.15 -12.80
N LYS C 46 3.96 -22.64 -13.48
CA LYS C 46 5.37 -22.98 -13.22
C LYS C 46 5.79 -22.73 -11.77
N SER C 47 5.52 -21.54 -11.22
CA SER C 47 5.87 -21.20 -9.85
C SER C 47 5.09 -22.04 -8.83
N VAL C 48 3.77 -22.22 -9.06
CA VAL C 48 2.86 -23.00 -8.20
C VAL C 48 3.34 -24.44 -8.02
N SER C 49 3.83 -25.08 -9.07
CA SER C 49 4.36 -26.45 -8.99
C SER C 49 5.50 -26.59 -7.97
N SER C 50 6.31 -25.54 -7.79
CA SER C 50 7.45 -25.51 -6.88
C SER C 50 7.06 -25.15 -5.45
N LEU C 51 6.11 -24.23 -5.25
CA LEU C 51 5.56 -23.91 -3.92
C LEU C 51 4.81 -25.09 -3.31
N ALA C 52 4.23 -25.98 -4.13
CA ALA C 52 3.63 -27.23 -3.69
C ALA C 52 4.66 -28.25 -3.16
N ILE C 53 5.93 -28.20 -3.58
CA ILE C 53 7.01 -29.00 -2.96
C ILE C 53 7.33 -28.46 -1.56
N MET C 54 7.44 -27.13 -1.44
CA MET C 54 7.75 -26.43 -0.20
C MET C 54 6.63 -26.46 0.85
N GLY C 55 5.40 -26.78 0.46
CA GLY C 55 4.23 -26.72 1.34
C GLY C 55 3.70 -25.30 1.56
N LEU C 56 3.92 -24.40 0.60
CA LEU C 56 3.56 -22.98 0.68
C LEU C 56 2.23 -22.64 0.01
N ILE C 57 1.47 -23.64 -0.46
CA ILE C 57 0.06 -23.47 -0.87
C ILE C 57 -0.83 -23.37 0.39
N ASP C 58 -1.66 -22.33 0.45
CA ASP C 58 -2.39 -21.92 1.66
C ASP C 58 -3.89 -22.29 1.64
N TYR C 59 -4.63 -21.85 2.68
CA TYR C 59 -5.98 -22.30 3.05
C TYR C 59 -7.03 -22.46 1.93
N PRO C 60 -7.18 -21.54 0.94
CA PRO C 60 -8.14 -21.71 -0.16
C PRO C 60 -7.69 -22.69 -1.27
N GLY C 61 -6.43 -23.11 -1.28
CA GLY C 61 -5.85 -24.02 -2.28
C GLY C 61 -5.73 -25.47 -1.82
N ARG C 62 -5.54 -26.39 -2.75
CA ARG C 62 -5.41 -27.83 -2.52
C ARG C 62 -4.29 -28.41 -3.38
N VAL C 63 -3.60 -29.42 -2.84
CA VAL C 63 -2.54 -30.16 -3.53
C VAL C 63 -2.82 -31.65 -3.45
N MET C 64 -2.73 -32.37 -4.57
CA MET C 64 -2.80 -33.83 -4.61
C MET C 64 -1.85 -34.41 -5.65
N ALA C 65 -1.24 -35.55 -5.36
CA ALA C 65 -0.25 -36.21 -6.21
C ALA C 65 -0.31 -37.73 -6.04
N GLU C 66 0.05 -38.49 -7.06
CA GLU C 66 0.20 -39.94 -6.94
C GLU C 66 1.53 -40.30 -6.27
N LYS C 67 2.56 -39.48 -6.48
CA LYS C 67 3.87 -39.55 -5.81
C LYS C 67 4.46 -38.15 -5.71
N LEU C 68 5.09 -37.82 -4.60
CA LEU C 68 5.77 -36.54 -4.39
C LEU C 68 7.00 -36.74 -3.50
N GLU C 69 7.83 -37.70 -3.87
CA GLU C 69 9.02 -38.04 -3.10
C GLU C 69 10.13 -37.02 -3.28
N PHE C 70 10.69 -36.57 -2.16
CA PHE C 70 11.97 -35.90 -2.11
C PHE C 70 12.94 -36.71 -1.26
N ASN C 71 14.09 -37.08 -1.81
CA ASN C 71 15.15 -37.82 -1.13
C ASN C 71 14.65 -39.14 -0.50
N GLY C 72 13.67 -39.80 -1.13
CA GLY C 72 13.05 -41.04 -0.64
C GLY C 72 11.90 -40.86 0.36
N GLN C 73 11.56 -39.63 0.75
CA GLN C 73 10.49 -39.31 1.71
C GLN C 73 9.28 -38.72 0.99
N ASP C 74 8.08 -39.24 1.25
CA ASP C 74 6.87 -38.78 0.59
C ASP C 74 6.31 -37.52 1.26
N LEU C 75 6.49 -36.38 0.60
CA LEU C 75 6.02 -35.08 1.05
C LEU C 75 4.49 -34.97 1.22
N GLN C 76 3.70 -35.95 0.77
CA GLN C 76 2.26 -36.01 1.07
C GLN C 76 1.93 -36.48 2.48
N ARG C 77 2.79 -37.29 3.14
CA ARG C 77 2.44 -38.02 4.37
C ARG C 77 3.40 -37.87 5.55
N ILE C 78 4.56 -37.23 5.38
CA ILE C 78 5.42 -36.84 6.50
C ILE C 78 4.74 -35.83 7.44
N SER C 79 5.17 -35.77 8.69
CA SER C 79 4.66 -34.84 9.70
C SER C 79 5.12 -33.40 9.49
N GLU C 80 4.50 -32.46 10.18
CA GLU C 80 4.90 -31.05 10.19
C GLU C 80 6.36 -30.86 10.64
N LYS C 81 6.77 -31.54 11.72
CA LYS C 81 8.16 -31.50 12.20
C LYS C 81 9.13 -32.04 11.15
N GLU C 82 8.79 -33.16 10.52
CA GLU C 82 9.65 -33.79 9.52
C GLU C 82 9.74 -32.94 8.25
N ARG C 83 8.68 -32.23 7.84
CA ARG C 83 8.75 -31.22 6.78
C ARG C 83 9.69 -30.08 7.14
N ARG C 84 9.64 -29.53 8.36
CA ARG C 84 10.60 -28.51 8.80
C ARG C 84 12.05 -29.02 8.86
N ASN C 85 12.29 -30.32 9.01
CA ASN C 85 13.63 -30.90 8.90
C ASN C 85 14.12 -31.07 7.44
N LEU C 86 13.26 -30.97 6.43
CA LEU C 86 13.67 -30.91 5.02
C LEU C 86 13.81 -29.48 4.54
N VAL C 87 12.79 -28.66 4.79
CA VAL C 87 12.68 -27.29 4.27
C VAL C 87 13.73 -26.39 4.91
N GLY C 88 14.65 -25.90 4.09
CA GLY C 88 15.85 -25.14 4.45
C GLY C 88 17.11 -25.98 4.61
N ALA C 89 17.00 -27.27 4.97
CA ALA C 89 18.13 -28.15 5.24
C ALA C 89 18.51 -29.06 4.07
N GLU C 90 17.54 -29.62 3.36
CA GLU C 90 17.74 -30.48 2.20
C GLU C 90 17.12 -29.92 0.92
N VAL C 91 16.01 -29.19 1.01
CA VAL C 91 15.45 -28.39 -0.10
C VAL C 91 15.35 -26.94 0.32
N ALA C 92 15.77 -26.01 -0.54
CA ALA C 92 15.71 -24.59 -0.28
C ALA C 92 15.21 -23.83 -1.50
N MET C 93 14.68 -22.62 -1.31
CA MET C 93 14.11 -21.82 -2.38
C MET C 93 14.48 -20.34 -2.29
N ILE C 94 14.69 -19.70 -3.43
CA ILE C 94 14.83 -18.25 -3.58
C ILE C 94 13.76 -17.74 -4.54
N PHE C 95 13.22 -16.56 -4.23
CA PHE C 95 11.98 -16.03 -4.80
C PHE C 95 12.22 -14.86 -5.75
N GLN C 96 11.14 -14.36 -6.35
CA GLN C 96 11.16 -13.45 -7.50
C GLN C 96 11.63 -12.03 -7.20
N ASP C 97 11.24 -11.46 -6.07
CA ASP C 97 11.54 -10.07 -5.73
C ASP C 97 12.57 -10.01 -4.58
N PRO C 98 13.79 -9.51 -4.82
CA PRO C 98 14.79 -9.37 -3.78
C PRO C 98 14.38 -8.40 -2.67
N MET C 99 13.57 -7.37 -2.97
CA MET C 99 13.31 -6.26 -2.05
C MET C 99 12.27 -6.60 -0.99
N THR C 100 11.22 -7.35 -1.33
CA THR C 100 10.16 -7.75 -0.39
C THR C 100 10.47 -9.04 0.37
N SER C 101 11.41 -9.87 -0.08
CA SER C 101 11.61 -11.23 0.45
C SER C 101 12.48 -11.34 1.71
N LEU C 102 13.19 -10.30 2.13
CA LEU C 102 13.88 -10.23 3.42
C LEU C 102 13.06 -9.42 4.43
N ASN C 103 12.99 -9.85 5.69
CA ASN C 103 12.20 -9.18 6.73
C ASN C 103 12.80 -7.80 7.07
N PRO C 104 12.08 -6.68 6.88
CA PRO C 104 12.70 -5.37 6.97
C PRO C 104 13.09 -4.95 8.39
N CYS C 105 12.60 -5.63 9.42
CA CYS C 105 12.88 -5.28 10.81
C CYS C 105 14.15 -5.90 11.41
N TYR C 106 14.85 -6.79 10.71
CA TYR C 106 16.02 -7.49 11.22
C TYR C 106 17.20 -7.36 10.27
N THR C 107 18.40 -7.24 10.83
CA THR C 107 19.64 -7.14 10.06
C THR C 107 19.97 -8.45 9.35
N VAL C 108 20.78 -8.37 8.29
CA VAL C 108 21.16 -9.54 7.46
C VAL C 108 21.80 -10.65 8.28
N GLY C 109 22.66 -10.31 9.23
CA GLY C 109 23.29 -11.29 10.12
C GLY C 109 22.29 -12.00 11.01
N PHE C 110 21.29 -11.32 11.55
CA PHE C 110 20.22 -11.98 12.29
C PHE C 110 19.50 -13.01 11.44
N GLN C 111 19.17 -12.66 10.20
CA GLN C 111 18.41 -13.52 9.30
C GLN C 111 19.19 -14.75 8.79
N ILE C 112 20.51 -14.64 8.57
CA ILE C 112 21.37 -15.79 8.24
C ILE C 112 21.69 -16.63 9.49
N MET C 113 22.06 -16.01 10.61
CA MET C 113 22.36 -16.74 11.84
C MET C 113 21.14 -17.46 12.39
N GLU C 114 19.93 -16.92 12.19
CA GLU C 114 18.68 -17.60 12.50
C GLU C 114 18.50 -18.84 11.63
N ALA C 115 18.74 -18.75 10.31
CA ALA C 115 18.65 -19.88 9.40
C ALA C 115 19.61 -21.02 9.77
N ILE C 116 20.85 -20.69 10.12
CA ILE C 116 21.83 -21.66 10.64
C ILE C 116 21.34 -22.24 11.96
N LYS C 117 20.80 -21.44 12.88
CA LYS C 117 20.37 -21.93 14.21
C LYS C 117 19.28 -22.96 14.13
N VAL C 118 18.27 -22.73 13.29
CA VAL C 118 17.08 -23.58 13.18
C VAL C 118 17.44 -25.03 12.87
N HIS C 119 18.51 -25.28 12.09
CA HIS C 119 18.90 -26.62 11.65
C HIS C 119 20.21 -27.13 12.25
N GLN C 120 21.27 -26.31 12.26
CA GLN C 120 22.60 -26.75 12.70
C GLN C 120 22.93 -26.41 14.15
N GLY C 121 22.36 -25.35 14.74
CA GLY C 121 22.67 -24.92 16.01
C GLY C 121 24.01 -24.31 16.19
N GLY C 122 24.56 -24.28 17.36
CA GLY C 122 25.76 -23.72 17.71
C GLY C 122 25.75 -22.40 18.37
N ASN C 123 26.77 -22.02 19.08
CA ASN C 123 26.93 -20.84 19.81
C ASN C 123 26.96 -19.63 18.91
N LYS C 124 26.85 -18.45 19.42
CA LYS C 124 26.81 -17.22 18.72
C LYS C 124 28.02 -17.03 17.83
N SER C 125 29.19 -17.26 18.34
CA SER C 125 30.43 -17.11 17.67
C SER C 125 30.51 -17.96 16.43
N THR C 126 30.21 -19.22 16.55
CA THR C 126 30.22 -20.18 15.51
C THR C 126 29.28 -19.80 14.39
N ARG C 127 28.08 -19.45 14.69
CA ARG C 127 27.07 -19.02 13.80
C ARG C 127 27.46 -17.78 13.06
N ARG C 128 28.05 -16.81 13.75
CA ARG C 128 28.53 -15.57 13.13
C ARG C 128 29.65 -15.85 12.16
N GLN C 129 30.57 -16.76 12.48
CA GLN C 129 31.62 -17.19 11.65
C GLN C 129 31.10 -17.82 10.38
N ARG C 130 30.12 -18.74 10.50
CA ARG C 130 29.50 -19.39 9.34
C ARG C 130 28.72 -18.39 8.48
N ALA C 131 28.12 -17.36 9.06
CA ALA C 131 27.45 -16.30 8.29
C ALA C 131 28.43 -15.43 7.50
N ILE C 132 29.58 -15.08 8.08
CA ILE C 132 30.67 -14.39 7.36
C ILE C 132 31.19 -15.28 6.23
N ASP C 133 31.34 -16.59 6.43
CA ASP C 133 31.74 -17.53 5.46
C ASP C 133 30.79 -17.56 4.28
N LEU C 134 29.48 -17.58 4.54
CA LEU C 134 28.46 -17.57 3.49
C LEU C 134 28.40 -16.25 2.71
N LEU C 135 28.46 -15.09 3.36
CA LEU C 135 28.49 -13.81 2.66
C LEU C 135 29.75 -13.67 1.79
N ASN C 136 30.90 -14.19 2.24
CA ASN C 136 32.09 -14.27 1.41
C ASN C 136 31.89 -15.24 0.24
N GLN C 137 31.23 -16.39 0.44
CA GLN C 137 30.99 -17.38 -0.61
C GLN C 137 30.08 -16.88 -1.74
N VAL C 138 29.02 -16.11 -1.44
CA VAL C 138 28.14 -15.49 -2.45
C VAL C 138 28.67 -14.17 -3.03
N GLY C 139 29.86 -13.73 -2.65
CA GLY C 139 30.55 -12.60 -3.27
C GLY C 139 30.23 -11.21 -2.71
N ILE C 140 29.79 -11.08 -1.46
CA ILE C 140 29.61 -9.74 -0.86
C ILE C 140 30.99 -9.06 -0.65
N PRO C 141 31.17 -7.77 -1.02
CA PRO C 141 32.50 -7.15 -1.05
C PRO C 141 33.14 -6.87 0.32
N ASP C 142 32.35 -6.79 1.38
CA ASP C 142 32.82 -6.78 2.77
C ASP C 142 31.83 -7.55 3.68
N PRO C 143 32.07 -8.83 3.99
CA PRO C 143 31.09 -9.67 4.65
C PRO C 143 30.90 -9.33 6.13
N ALA C 144 31.91 -8.77 6.80
CA ALA C 144 31.84 -8.44 8.22
C ALA C 144 30.91 -7.26 8.51
N SER C 145 30.96 -6.18 7.71
CA SER C 145 30.05 -5.03 7.88
C SER C 145 28.64 -5.30 7.37
N ARG C 146 28.47 -6.08 6.30
CA ARG C 146 27.15 -6.45 5.76
C ARG C 146 26.31 -7.34 6.67
N LEU C 147 26.83 -7.89 7.76
CA LEU C 147 25.97 -8.52 8.78
C LEU C 147 25.05 -7.49 9.48
N ASP C 148 25.49 -6.25 9.64
CA ASP C 148 24.81 -5.24 10.46
C ASP C 148 23.87 -4.31 9.67
N VAL C 149 23.77 -4.46 8.35
CA VAL C 149 22.85 -3.66 7.53
C VAL C 149 21.44 -4.22 7.55
N TYR C 150 20.46 -3.33 7.45
CA TYR C 150 19.05 -3.69 7.31
C TYR C 150 18.71 -3.87 5.82
N PRO C 151 17.71 -4.68 5.44
CA PRO C 151 17.39 -4.97 4.05
C PRO C 151 17.15 -3.75 3.15
N HIS C 152 16.60 -2.65 3.68
CA HIS C 152 16.39 -1.43 2.89
C HIS C 152 17.70 -0.74 2.49
N GLN C 153 18.84 -1.06 3.10
CA GLN C 153 20.15 -0.52 2.76
C GLN C 153 20.87 -1.32 1.65
N LEU C 154 20.37 -2.50 1.29
CA LEU C 154 20.91 -3.33 0.21
C LEU C 154 20.37 -2.90 -1.16
N SER C 155 21.16 -3.13 -2.21
CA SER C 155 20.69 -3.12 -3.60
C SER C 155 19.85 -4.37 -3.92
N GLY C 156 19.22 -4.43 -5.10
CA GLY C 156 18.55 -5.64 -5.56
C GLY C 156 19.51 -6.83 -5.72
N GLY C 157 20.68 -6.60 -6.30
CA GLY C 157 21.71 -7.62 -6.45
C GLY C 157 22.23 -8.15 -5.11
N MET C 158 22.58 -7.26 -4.18
CA MET C 158 23.00 -7.69 -2.83
C MET C 158 21.88 -8.36 -2.06
N SER C 159 20.62 -7.94 -2.24
CA SER C 159 19.48 -8.60 -1.61
C SER C 159 19.33 -10.04 -2.09
N GLN C 160 19.50 -10.30 -3.39
CA GLN C 160 19.41 -11.65 -3.92
C GLN C 160 20.61 -12.52 -3.54
N ARG C 161 21.82 -11.97 -3.47
CA ARG C 161 22.98 -12.69 -2.92
C ARG C 161 22.77 -13.08 -1.46
N VAL C 162 22.20 -12.21 -0.63
CA VAL C 162 21.85 -12.55 0.76
C VAL C 162 20.81 -13.68 0.81
N MET C 163 19.80 -13.67 -0.05
CA MET C 163 18.85 -14.77 -0.17
C MET C 163 19.52 -16.09 -0.54
N ILE C 164 20.48 -16.09 -1.47
CA ILE C 164 21.24 -17.29 -1.84
C ILE C 164 22.07 -17.78 -0.65
N ALA C 165 22.77 -16.90 0.06
CA ALA C 165 23.56 -17.25 1.25
C ALA C 165 22.69 -17.88 2.35
N MET C 166 21.51 -17.34 2.56
CA MET C 166 20.51 -17.79 3.53
C MET C 166 19.86 -19.12 3.14
N ALA C 167 19.64 -19.36 1.84
CA ALA C 167 19.14 -20.61 1.30
C ALA C 167 20.18 -21.73 1.37
N ILE C 168 21.43 -21.48 0.94
CA ILE C 168 22.50 -22.49 0.94
C ILE C 168 23.14 -22.74 2.32
N ALA C 169 22.72 -22.03 3.38
CA ALA C 169 23.38 -22.01 4.67
C ALA C 169 23.63 -23.42 5.26
N CYS C 170 22.67 -24.32 5.11
CA CYS C 170 22.73 -25.71 5.58
C CYS C 170 23.22 -26.73 4.53
N ARG C 171 23.73 -26.29 3.38
CA ARG C 171 24.19 -27.10 2.23
C ARG C 171 23.08 -28.03 1.69
N PRO C 172 22.00 -27.49 1.09
CA PRO C 172 20.87 -28.27 0.62
C PRO C 172 21.23 -29.13 -0.60
N LYS C 173 20.45 -30.19 -0.83
CA LYS C 173 20.58 -31.05 -2.01
C LYS C 173 19.89 -30.47 -3.24
N LEU C 174 18.84 -29.68 -3.06
CA LEU C 174 18.08 -29.02 -4.12
C LEU C 174 17.85 -27.55 -3.82
N LEU C 175 18.14 -26.69 -4.79
CA LEU C 175 17.85 -25.25 -4.75
C LEU C 175 16.84 -24.91 -5.85
N ILE C 176 15.72 -24.32 -5.49
CA ILE C 176 14.68 -23.88 -6.41
C ILE C 176 14.80 -22.36 -6.56
N ALA C 177 14.89 -21.88 -7.79
CA ALA C 177 15.05 -20.47 -8.10
C ALA C 177 13.87 -19.99 -8.94
N ASP C 178 12.87 -19.39 -8.28
CA ASP C 178 11.66 -18.87 -8.90
C ASP C 178 11.87 -17.45 -9.41
N GLN C 179 12.35 -17.31 -10.66
CA GLN C 179 12.55 -16.09 -11.34
C GLN C 179 13.46 -15.18 -10.54
N PRO C 180 14.69 -15.61 -10.22
CA PRO C 180 15.57 -14.93 -9.27
C PRO C 180 16.11 -13.58 -9.78
N THR C 181 15.99 -13.32 -11.08
CA THR C 181 16.68 -12.22 -11.76
C THR C 181 15.76 -11.37 -12.64
N THR C 182 14.43 -11.57 -12.63
CA THR C 182 13.49 -10.83 -13.39
C THR C 182 13.56 -9.36 -13.10
N ALA C 183 13.79 -9.01 -11.82
CA ALA C 183 13.76 -7.64 -11.31
C ALA C 183 15.09 -6.88 -11.49
N LEU C 184 16.14 -7.55 -11.96
CA LEU C 184 17.52 -7.05 -11.92
C LEU C 184 18.05 -6.67 -13.31
N ASP C 185 19.05 -5.78 -13.32
CA ASP C 185 19.78 -5.37 -14.52
C ASP C 185 20.57 -6.54 -15.16
N VAL C 186 20.84 -6.46 -16.46
CA VAL C 186 21.40 -7.57 -17.25
C VAL C 186 22.75 -8.07 -16.72
N THR C 187 23.65 -7.17 -16.32
CA THR C 187 24.94 -7.56 -15.76
C THR C 187 24.79 -8.25 -14.41
N ILE C 188 23.87 -7.77 -13.57
CA ILE C 188 23.59 -8.35 -12.25
C ILE C 188 22.92 -9.72 -12.38
N GLN C 189 22.05 -9.89 -13.37
CA GLN C 189 21.51 -11.20 -13.75
C GLN C 189 22.61 -12.19 -14.14
N ALA C 190 23.55 -11.78 -15.01
CA ALA C 190 24.67 -12.64 -15.39
C ALA C 190 25.55 -13.02 -14.19
N GLN C 191 25.85 -12.07 -13.30
CA GLN C 191 26.58 -12.35 -12.05
C GLN C 191 25.89 -13.38 -11.17
N ILE C 192 24.58 -13.24 -10.93
CA ILE C 192 23.83 -14.12 -10.02
C ILE C 192 23.66 -15.53 -10.59
N ILE C 193 23.43 -15.68 -11.89
CA ILE C 193 23.29 -17.01 -12.50
C ILE C 193 24.63 -17.71 -12.64
N GLU C 194 25.74 -17.00 -12.92
CA GLU C 194 27.06 -17.62 -12.83
C GLU C 194 27.47 -17.97 -11.39
N LEU C 195 26.98 -17.24 -10.39
CA LEU C 195 27.09 -17.66 -8.98
C LEU C 195 26.31 -18.94 -8.71
N LEU C 196 25.03 -19.03 -9.08
CA LEU C 196 24.21 -20.23 -8.87
C LEU C 196 24.84 -21.45 -9.54
N LEU C 197 25.30 -21.34 -10.78
CA LEU C 197 25.98 -22.42 -11.49
C LEU C 197 27.35 -22.78 -10.89
N GLU C 198 28.09 -21.84 -10.29
CA GLU C 198 29.31 -22.16 -9.54
C GLU C 198 28.99 -22.95 -8.26
N LEU C 199 27.97 -22.54 -7.48
CA LEU C 199 27.52 -23.29 -6.29
C LEU C 199 27.03 -24.70 -6.67
N GLN C 200 26.24 -24.80 -7.73
CA GLN C 200 25.68 -26.03 -8.28
C GLN C 200 26.78 -27.06 -8.60
N GLN C 201 27.83 -26.64 -9.32
CA GLN C 201 28.96 -27.51 -9.65
C GLN C 201 29.86 -27.81 -8.44
N LYS C 202 30.16 -26.83 -7.59
CA LYS C 202 31.10 -26.99 -6.46
C LYS C 202 30.54 -27.83 -5.31
N GLU C 203 29.26 -27.69 -5.01
CA GLU C 203 28.60 -28.41 -3.90
C GLU C 203 27.83 -29.66 -4.33
N ASN C 204 27.84 -30.00 -5.63
CA ASN C 204 27.09 -31.10 -6.25
C ASN C 204 25.60 -31.08 -5.88
N MET C 205 24.98 -29.94 -6.18
CA MET C 205 23.62 -29.57 -5.79
C MET C 205 22.71 -29.56 -7.02
N ALA C 206 21.48 -30.04 -6.92
CA ALA C 206 20.49 -29.88 -7.99
C ALA C 206 19.96 -28.44 -8.02
N LEU C 207 19.69 -27.90 -9.21
CA LEU C 207 19.16 -26.54 -9.38
C LEU C 207 17.93 -26.58 -10.27
N VAL C 208 16.81 -26.00 -9.84
CA VAL C 208 15.61 -25.81 -10.66
C VAL C 208 15.48 -24.32 -10.96
N LEU C 209 15.61 -23.93 -12.22
CA LEU C 209 15.43 -22.56 -12.68
C LEU C 209 14.04 -22.40 -13.28
N ILE C 210 13.21 -21.59 -12.66
CA ILE C 210 11.88 -21.24 -13.15
C ILE C 210 11.98 -19.81 -13.65
N THR C 211 11.84 -19.64 -14.96
CA THR C 211 11.90 -18.36 -15.65
C THR C 211 11.26 -18.43 -17.02
N HIS C 212 10.71 -17.32 -17.48
CA HIS C 212 10.14 -17.07 -18.76
C HIS C 212 11.14 -16.84 -19.85
N ASP C 213 12.42 -16.60 -19.52
CA ASP C 213 13.47 -16.32 -20.49
C ASP C 213 14.11 -17.60 -21.07
N LEU C 214 13.74 -17.95 -22.30
CA LEU C 214 14.24 -19.12 -23.01
C LEU C 214 15.76 -19.07 -23.20
N ALA C 215 16.32 -17.90 -23.56
CA ALA C 215 17.74 -17.77 -23.84
C ALA C 215 18.58 -17.96 -22.58
N LEU C 216 18.12 -17.44 -21.45
CA LEU C 216 18.77 -17.59 -20.15
C LEU C 216 18.81 -19.06 -19.71
N VAL C 217 17.72 -19.79 -19.88
CA VAL C 217 17.68 -21.23 -19.59
C VAL C 217 18.52 -22.03 -20.59
N ALA C 218 18.54 -21.66 -21.87
CA ALA C 218 19.34 -22.34 -22.88
C ALA C 218 20.86 -22.28 -22.61
N GLU C 219 21.35 -21.21 -21.99
CA GLU C 219 22.73 -21.13 -21.51
C GLU C 219 22.97 -21.94 -20.22
N ALA C 220 22.01 -21.94 -19.29
CA ALA C 220 22.18 -22.48 -17.95
C ALA C 220 21.85 -23.98 -17.79
N ALA C 221 20.78 -24.47 -18.40
CA ALA C 221 20.14 -25.74 -18.04
C ALA C 221 20.68 -26.96 -18.79
N HIS C 222 20.53 -28.15 -18.20
CA HIS C 222 20.78 -29.44 -18.84
C HIS C 222 19.51 -29.97 -19.51
N LYS C 223 18.39 -29.91 -18.79
CA LYS C 223 17.04 -30.34 -19.19
C LYS C 223 16.07 -29.19 -19.10
N ILE C 224 15.15 -29.06 -20.05
CA ILE C 224 14.10 -28.03 -20.06
C ILE C 224 12.73 -28.70 -20.05
N ILE C 225 11.83 -28.19 -19.23
CA ILE C 225 10.42 -28.55 -19.09
C ILE C 225 9.60 -27.32 -19.51
N VAL C 226 8.73 -27.46 -20.50
CA VAL C 226 7.89 -26.35 -20.99
C VAL C 226 6.48 -26.52 -20.46
N MET C 227 5.97 -25.49 -19.77
CA MET C 227 4.67 -25.46 -19.12
C MET C 227 3.69 -24.62 -19.94
N TYR C 228 2.45 -25.07 -20.11
CA TYR C 228 1.36 -24.28 -20.71
C TYR C 228 0.03 -24.63 -20.03
N ALA C 229 -0.75 -23.62 -19.64
CA ALA C 229 -2.06 -23.75 -19.01
C ALA C 229 -2.12 -24.74 -17.82
N GLY C 230 -1.04 -24.87 -17.05
CA GLY C 230 -0.92 -25.78 -15.91
C GLY C 230 -0.41 -27.18 -16.24
N GLN C 231 -0.07 -27.46 -17.50
CA GLN C 231 0.37 -28.76 -17.98
C GLN C 231 1.79 -28.72 -18.56
N VAL C 232 2.58 -29.77 -18.39
CA VAL C 232 3.85 -29.93 -19.13
C VAL C 232 3.50 -30.30 -20.57
N VAL C 233 4.03 -29.57 -21.54
CA VAL C 233 3.79 -29.82 -22.97
C VAL C 233 5.01 -30.33 -23.72
N GLU C 234 6.22 -30.08 -23.24
CA GLU C 234 7.45 -30.65 -23.82
C GLU C 234 8.54 -30.80 -22.75
N THR C 235 9.38 -31.82 -22.87
CA THR C 235 10.60 -32.01 -22.07
C THR C 235 11.77 -32.43 -22.94
N GLY C 236 12.98 -31.96 -22.65
CA GLY C 236 14.17 -32.40 -23.39
C GLY C 236 15.48 -31.70 -23.04
N ASP C 237 16.57 -32.13 -23.65
CA ASP C 237 17.89 -31.54 -23.47
C ASP C 237 17.96 -30.11 -24.03
N ALA C 238 18.65 -29.20 -23.35
CA ALA C 238 18.59 -27.76 -23.63
C ALA C 238 19.10 -27.34 -25.03
N HIS C 239 20.00 -28.09 -25.66
CA HIS C 239 20.40 -27.85 -27.06
C HIS C 239 19.37 -28.40 -28.04
N ALA C 240 18.95 -29.65 -27.88
CA ALA C 240 18.03 -30.31 -28.80
C ALA C 240 16.65 -29.64 -28.84
N ILE C 241 16.12 -29.22 -27.68
CA ILE C 241 14.75 -28.70 -27.56
C ILE C 241 14.49 -27.45 -28.40
N PHE C 242 15.50 -26.60 -28.62
CA PHE C 242 15.35 -25.36 -29.38
C PHE C 242 15.98 -25.38 -30.78
N HIS C 243 16.77 -26.39 -31.16
CA HIS C 243 17.10 -26.64 -32.57
C HIS C 243 16.01 -27.41 -33.32
N ALA C 244 15.28 -28.29 -32.65
CA ALA C 244 14.21 -29.08 -33.24
C ALA C 244 13.07 -29.29 -32.23
N PRO C 245 12.13 -28.35 -32.06
CA PRO C 245 11.05 -28.45 -31.08
C PRO C 245 10.01 -29.50 -31.50
N ARG C 246 9.51 -30.30 -30.55
CA ARG C 246 8.56 -31.41 -30.80
C ARG C 246 7.11 -31.12 -30.42
N HIS C 247 6.81 -29.94 -29.87
CA HIS C 247 5.45 -29.48 -29.60
C HIS C 247 5.18 -28.17 -30.34
N PRO C 248 4.04 -27.99 -31.05
CA PRO C 248 3.66 -26.73 -31.68
C PRO C 248 3.72 -25.48 -30.80
N TYR C 249 3.49 -25.59 -29.50
CA TYR C 249 3.60 -24.56 -28.55
C TYR C 249 5.01 -24.05 -28.43
N THR C 250 5.98 -24.95 -28.30
CA THR C 250 7.40 -24.59 -28.19
C THR C 250 7.87 -23.95 -29.49
N GLN C 251 7.44 -24.48 -30.64
CA GLN C 251 7.73 -23.91 -31.95
C GLN C 251 7.24 -22.47 -32.08
N ALA C 252 6.00 -22.19 -31.64
CA ALA C 252 5.40 -20.91 -31.59
C ALA C 252 6.15 -19.97 -30.70
N LEU C 253 6.52 -20.40 -29.53
CA LEU C 253 7.27 -19.70 -28.56
C LEU C 253 8.60 -19.25 -29.11
N LEU C 254 9.32 -20.09 -29.84
CA LEU C 254 10.59 -19.70 -30.47
C LEU C 254 10.40 -18.66 -31.57
N ARG C 255 9.40 -18.83 -32.45
CA ARG C 255 9.12 -17.91 -33.56
C ARG C 255 8.70 -16.50 -33.12
N ALA C 256 8.25 -16.34 -31.88
CA ALA C 256 7.92 -15.06 -31.28
C ALA C 256 9.13 -14.30 -30.70
N LEU C 257 10.30 -14.92 -30.56
CA LEU C 257 11.51 -14.23 -30.11
C LEU C 257 12.10 -13.37 -31.24
N PRO C 258 12.51 -12.11 -30.98
CA PRO C 258 13.16 -11.29 -31.99
C PRO C 258 14.55 -11.78 -32.40
N GLU C 259 15.17 -12.68 -31.64
CA GLU C 259 16.40 -13.38 -32.05
C GLU C 259 16.19 -14.35 -33.23
N PHE C 260 14.97 -14.89 -33.39
CA PHE C 260 14.68 -16.01 -34.29
C PHE C 260 14.31 -15.59 -35.73
N ALA C 261 14.68 -14.38 -36.14
CA ALA C 261 14.21 -13.71 -37.37
C ALA C 261 15.29 -12.81 -38.01
N GLN C 262 15.10 -12.44 -39.27
CA GLN C 262 15.90 -11.41 -39.95
C GLN C 262 15.62 -10.00 -39.37
N ASP C 263 16.32 -8.98 -39.87
CA ASP C 263 16.39 -7.64 -39.28
C ASP C 263 15.05 -7.03 -38.83
N LYS C 264 14.05 -6.90 -39.71
CA LYS C 264 12.77 -6.21 -39.43
C LYS C 264 11.53 -6.89 -40.05
N GLU C 265 11.62 -8.18 -40.37
CA GLU C 265 10.45 -8.97 -40.75
C GLU C 265 9.51 -9.17 -39.55
N ARG C 266 8.21 -9.37 -39.78
CA ARG C 266 7.25 -9.51 -38.68
C ARG C 266 7.41 -10.85 -37.95
N LEU C 267 7.31 -10.81 -36.62
CA LEU C 267 7.37 -11.99 -35.75
C LEU C 267 6.06 -12.76 -35.81
N ALA C 268 6.09 -14.08 -35.81
CA ALA C 268 4.86 -14.87 -35.67
C ALA C 268 4.37 -14.84 -34.21
N SER C 269 3.08 -15.03 -33.99
CA SER C 269 2.40 -15.11 -32.75
C SER C 269 1.11 -15.86 -32.85
N LEU C 270 0.78 -16.69 -31.92
CA LEU C 270 -0.42 -17.43 -31.83
C LEU C 270 -1.60 -16.55 -31.53
N PRO C 271 -2.79 -16.83 -32.06
CA PRO C 271 -3.99 -16.13 -31.67
C PRO C 271 -4.51 -16.54 -30.32
N GLY C 272 -5.46 -15.86 -29.79
CA GLY C 272 -6.09 -16.14 -28.59
C GLY C 272 -5.36 -15.83 -27.36
N VAL C 273 -5.86 -16.33 -26.21
CA VAL C 273 -5.32 -16.06 -24.87
C VAL C 273 -5.22 -17.37 -24.08
N VAL C 274 -4.33 -17.44 -23.08
CA VAL C 274 -4.16 -18.62 -22.22
C VAL C 274 -5.46 -18.93 -21.45
N PRO C 275 -5.99 -20.16 -21.47
CA PRO C 275 -7.29 -20.46 -20.87
C PRO C 275 -7.30 -20.36 -19.35
N GLY C 276 -8.12 -19.45 -18.82
CA GLY C 276 -8.47 -19.34 -17.41
C GLY C 276 -9.57 -20.32 -16.99
N LYS C 277 -10.13 -20.13 -15.78
CA LYS C 277 -11.10 -21.07 -15.16
C LYS C 277 -12.33 -21.33 -16.04
N TYR C 278 -12.93 -20.29 -16.59
CA TYR C 278 -14.17 -20.37 -17.38
C TYR C 278 -13.94 -20.69 -18.86
N ASP C 279 -12.75 -20.39 -19.39
CA ASP C 279 -12.43 -20.42 -20.83
C ASP C 279 -11.87 -21.77 -21.30
N ARG C 280 -11.68 -22.73 -20.40
CA ARG C 280 -10.88 -23.95 -20.63
C ARG C 280 -11.51 -24.90 -21.66
N PRO C 281 -10.81 -25.22 -22.77
CA PRO C 281 -11.34 -26.08 -23.82
C PRO C 281 -11.30 -27.56 -23.47
N ASN C 282 -12.11 -28.36 -24.16
CA ASN C 282 -12.00 -29.82 -24.14
C ASN C 282 -10.83 -30.29 -25.02
N GLY C 283 -10.37 -31.52 -24.82
CA GLY C 283 -9.23 -32.08 -25.56
C GLY C 283 -7.92 -31.35 -25.24
N CYS C 284 -7.11 -31.09 -26.25
CA CYS C 284 -5.86 -30.35 -26.10
C CYS C 284 -6.10 -28.86 -25.74
N LEU C 285 -5.42 -28.34 -24.72
CA LEU C 285 -5.58 -26.93 -24.29
C LEU C 285 -5.06 -25.89 -25.28
N LEU C 286 -4.32 -26.31 -26.31
CA LEU C 286 -3.91 -25.46 -27.42
C LEU C 286 -4.89 -25.52 -28.61
N ASN C 287 -6.00 -26.27 -28.55
CA ASN C 287 -7.00 -26.36 -29.62
C ASN C 287 -7.43 -24.99 -30.21
N PRO C 288 -7.74 -23.95 -29.41
CA PRO C 288 -8.14 -22.65 -29.96
C PRO C 288 -7.04 -21.91 -30.74
N ARG C 289 -5.78 -22.31 -30.57
CA ARG C 289 -4.59 -21.56 -30.98
C ARG C 289 -3.66 -22.32 -31.93
N CYS C 290 -3.55 -23.64 -31.80
CA CYS C 290 -2.70 -24.49 -32.55
C CYS C 290 -2.98 -24.39 -34.02
N PRO C 291 -2.00 -24.11 -34.89
CA PRO C 291 -2.24 -24.13 -36.32
C PRO C 291 -2.50 -25.48 -36.92
N TYR C 292 -2.13 -26.55 -36.25
CA TYR C 292 -2.28 -27.92 -36.76
C TYR C 292 -3.53 -28.61 -36.21
N ALA C 293 -4.43 -27.90 -35.51
CA ALA C 293 -5.59 -28.49 -34.87
C ALA C 293 -6.41 -29.37 -35.82
N THR C 294 -6.85 -30.52 -35.34
CA THR C 294 -7.57 -31.57 -36.08
C THR C 294 -8.65 -32.15 -35.16
N ASP C 295 -9.69 -32.79 -35.69
CA ASP C 295 -10.82 -33.23 -34.86
C ASP C 295 -10.46 -34.24 -33.76
N ARG C 296 -9.38 -35.02 -33.93
CA ARG C 296 -8.80 -35.83 -32.86
C ARG C 296 -8.40 -34.99 -31.65
N CYS C 297 -7.76 -33.84 -31.88
CA CYS C 297 -7.30 -32.94 -30.84
C CYS C 297 -8.44 -32.34 -30.02
N ARG C 298 -9.60 -32.14 -30.66
CA ARG C 298 -10.83 -31.61 -30.05
C ARG C 298 -11.59 -32.65 -29.22
N ALA C 299 -11.41 -33.95 -29.50
CA ALA C 299 -11.99 -35.05 -28.74
C ALA C 299 -11.10 -35.57 -27.59
N GLU C 300 -9.82 -35.82 -27.85
CA GLU C 300 -8.88 -36.47 -26.94
C GLU C 300 -7.94 -35.48 -26.26
N GLU C 301 -7.69 -35.63 -24.97
CA GLU C 301 -6.52 -35.04 -24.33
C GLU C 301 -5.28 -35.86 -24.72
N PRO C 302 -4.24 -35.26 -25.32
CA PRO C 302 -3.07 -36.01 -25.77
C PRO C 302 -2.21 -36.49 -24.60
N ALA C 303 -1.63 -37.68 -24.71
CA ALA C 303 -0.65 -38.16 -23.76
C ALA C 303 0.67 -37.38 -23.86
N LEU C 304 1.47 -37.35 -22.79
CA LEU C 304 2.85 -36.85 -22.83
C LEU C 304 3.74 -37.90 -23.51
N ASN C 305 3.67 -37.96 -24.83
CA ASN C 305 4.20 -39.06 -25.64
C ASN C 305 5.72 -39.14 -25.56
N MET C 306 6.24 -40.30 -25.16
CA MET C 306 7.66 -40.62 -25.15
C MET C 306 8.18 -40.85 -26.57
N LEU C 307 9.17 -40.07 -27.01
CA LEU C 307 9.71 -40.09 -28.36
C LEU C 307 11.01 -40.91 -28.46
N ALA C 308 11.46 -41.19 -29.68
CA ALA C 308 12.59 -42.09 -29.95
C ALA C 308 13.93 -41.63 -29.36
N ASP C 309 14.20 -40.34 -29.31
CA ASP C 309 15.45 -39.78 -28.78
C ASP C 309 15.44 -39.54 -27.26
N GLY C 310 14.39 -39.96 -26.56
CA GLY C 310 14.21 -39.81 -25.11
C GLY C 310 13.42 -38.58 -24.67
N ARG C 311 13.07 -37.66 -25.57
CA ARG C 311 12.22 -36.50 -25.28
C ARG C 311 10.75 -36.86 -25.14
N GLN C 312 9.95 -35.93 -24.66
CA GLN C 312 8.49 -36.06 -24.58
C GLN C 312 7.80 -34.83 -25.14
N SER C 313 6.69 -34.99 -25.86
CA SER C 313 5.79 -33.87 -26.15
C SER C 313 4.31 -34.25 -26.04
N LYS C 314 3.51 -33.36 -25.46
CA LYS C 314 2.09 -33.58 -25.17
C LYS C 314 1.23 -33.23 -26.38
N CYS C 315 1.42 -34.00 -27.45
CA CYS C 315 0.85 -33.73 -28.76
C CYS C 315 0.49 -35.04 -29.48
N HIS C 316 -0.60 -35.03 -30.23
CA HIS C 316 -0.99 -36.16 -31.08
C HIS C 316 -0.09 -36.35 -32.28
N TYR C 317 0.58 -35.29 -32.75
CA TYR C 317 1.45 -35.32 -33.93
C TYR C 317 2.78 -34.61 -33.64
N PRO C 318 3.71 -35.24 -32.90
CA PRO C 318 5.01 -34.66 -32.57
C PRO C 318 5.76 -34.26 -33.83
N LEU C 319 6.32 -33.05 -33.84
CA LEU C 319 6.87 -32.44 -35.05
C LEU C 319 8.15 -33.13 -35.54
N ASP C 320 8.30 -33.25 -36.85
CA ASP C 320 9.55 -33.68 -37.47
C ASP C 320 10.66 -32.60 -37.37
N ASP C 321 11.85 -32.88 -37.91
CA ASP C 321 12.97 -31.92 -37.86
C ASP C 321 12.79 -30.71 -38.81
N ALA C 322 11.91 -30.80 -39.82
CA ALA C 322 11.57 -29.69 -40.69
C ALA C 322 10.54 -28.73 -40.06
N GLY C 323 9.84 -29.18 -39.03
CA GLY C 323 8.85 -28.41 -38.29
C GLY C 323 7.39 -28.73 -38.64
N ARG C 324 7.09 -29.92 -39.17
CA ARG C 324 5.73 -30.37 -39.55
C ARG C 324 5.26 -31.58 -38.74
N PRO C 325 3.95 -31.70 -38.41
CA PRO C 325 3.32 -32.90 -37.87
C PRO C 325 3.64 -34.21 -38.61
N GLN D 9 18.63 21.03 -44.65
CA GLN D 9 17.41 20.78 -44.04
C GLN D 9 17.55 20.42 -42.59
N GLN D 10 16.79 20.96 -41.69
CA GLN D 10 16.78 20.69 -40.31
C GLN D 10 16.24 19.30 -40.02
N PRO D 11 16.78 18.53 -39.06
CA PRO D 11 16.21 17.23 -38.70
C PRO D 11 14.83 17.41 -38.04
N LEU D 12 14.04 16.33 -37.94
CA LEU D 12 12.70 16.38 -37.34
C LEU D 12 12.75 16.81 -35.88
N LEU D 13 13.66 16.22 -35.11
CA LEU D 13 13.95 16.60 -33.73
C LEU D 13 15.46 16.64 -33.52
N GLN D 14 15.94 17.65 -32.82
CA GLN D 14 17.35 17.84 -32.50
C GLN D 14 17.51 18.26 -31.05
N ALA D 15 18.31 17.51 -30.30
CA ALA D 15 18.71 17.82 -28.94
C ALA D 15 20.19 18.22 -28.93
N ILE D 16 20.54 19.36 -28.33
CA ILE D 16 21.91 19.83 -28.17
C ILE D 16 22.22 19.99 -26.69
N ASP D 17 23.20 19.27 -26.18
CA ASP D 17 23.75 19.40 -24.82
C ASP D 17 22.69 19.38 -23.70
N LEU D 18 21.72 18.46 -23.76
CA LEU D 18 20.69 18.35 -22.73
C LEU D 18 21.28 17.98 -21.37
N LYS D 19 20.74 18.58 -20.32
CA LYS D 19 21.07 18.34 -18.92
C LYS D 19 19.84 18.32 -18.04
N LYS D 20 19.86 17.53 -16.97
CA LYS D 20 18.92 17.60 -15.86
C LYS D 20 19.60 17.23 -14.55
N HIS D 21 19.75 18.23 -13.69
CA HIS D 21 20.30 18.09 -12.34
C HIS D 21 19.18 18.28 -11.31
N TYR D 22 19.01 17.34 -10.39
CA TYR D 22 18.06 17.49 -9.29
C TYR D 22 18.83 17.83 -7.99
N PRO D 23 18.56 18.94 -7.30
CA PRO D 23 19.21 19.24 -6.03
C PRO D 23 18.70 18.33 -4.91
N VAL D 24 19.58 17.93 -3.99
CA VAL D 24 19.29 16.96 -2.91
C VAL D 24 20.00 17.31 -1.60
N LYS D 25 19.39 16.90 -0.48
CA LYS D 25 19.87 17.16 0.89
C LYS D 25 20.57 15.92 1.47
N LYS D 26 21.81 16.09 1.94
CA LYS D 26 22.65 15.02 2.54
C LYS D 26 22.32 14.75 4.02
N GLY D 27 21.04 14.54 4.33
CA GLY D 27 20.54 14.45 5.72
C GLY D 27 20.61 15.76 6.52
N MET D 28 20.93 16.88 5.86
CA MET D 28 21.09 18.22 6.42
C MET D 28 20.65 19.26 5.38
N PHE D 29 20.22 20.44 5.82
CA PHE D 29 19.63 21.45 4.93
C PHE D 29 20.65 22.25 4.09
N ALA D 30 21.89 22.37 4.55
CA ALA D 30 22.93 23.24 3.99
C ALA D 30 23.73 22.75 2.75
N PRO D 31 24.13 21.47 2.60
CA PRO D 31 25.21 21.09 1.67
C PRO D 31 24.83 21.07 0.18
N GLU D 32 23.55 20.99 -0.17
CA GLU D 32 23.00 21.25 -1.52
C GLU D 32 23.75 20.52 -2.66
N ARG D 33 23.78 19.18 -2.64
CA ARG D 33 24.38 18.37 -3.72
C ARG D 33 23.48 18.34 -4.96
N LEU D 34 24.05 18.11 -6.14
CA LEU D 34 23.32 17.89 -7.40
C LEU D 34 23.36 16.41 -7.82
N VAL D 35 22.19 15.82 -8.04
CA VAL D 35 22.05 14.53 -8.72
C VAL D 35 22.05 14.78 -10.22
N LYS D 36 23.20 14.61 -10.88
CA LYS D 36 23.39 14.72 -12.33
C LYS D 36 22.79 13.52 -13.04
N ALA D 37 21.46 13.46 -13.10
CA ALA D 37 20.71 12.36 -13.70
C ALA D 37 20.91 12.28 -15.23
N LEU D 38 21.16 13.40 -15.88
CA LEU D 38 21.50 13.49 -17.30
C LEU D 38 22.46 14.66 -17.54
N ASP D 39 23.58 14.47 -18.22
CA ASP D 39 24.38 15.58 -18.73
C ASP D 39 25.19 15.31 -20.01
N GLY D 40 24.88 16.06 -21.07
CA GLY D 40 25.64 16.09 -22.31
C GLY D 40 25.05 15.24 -23.45
N VAL D 41 23.83 14.73 -23.29
CA VAL D 41 23.15 14.00 -24.37
C VAL D 41 22.73 14.93 -25.51
N SER D 42 23.07 14.55 -26.73
CA SER D 42 22.72 15.23 -27.97
C SER D 42 22.44 14.21 -29.07
N PHE D 43 21.42 14.44 -29.90
CA PHE D 43 21.11 13.61 -31.06
C PHE D 43 20.29 14.36 -32.11
N ASN D 44 20.29 13.84 -33.33
CA ASN D 44 19.38 14.20 -34.41
C ASN D 44 18.49 13.00 -34.74
N LEU D 45 17.17 13.18 -34.80
CA LEU D 45 16.20 12.17 -35.20
C LEU D 45 15.55 12.57 -36.51
N GLU D 46 15.60 11.71 -37.52
CA GLU D 46 15.01 11.92 -38.84
C GLU D 46 13.59 11.34 -38.94
N ARG D 47 12.79 11.75 -39.93
CA ARG D 47 11.41 11.27 -40.10
C ARG D 47 11.39 9.81 -40.57
N GLY D 48 10.58 8.98 -39.92
CA GLY D 48 10.41 7.57 -40.23
C GLY D 48 11.50 6.64 -39.70
N LYS D 49 12.25 7.04 -38.67
CA LYS D 49 13.40 6.31 -38.10
C LYS D 49 13.26 6.05 -36.61
N THR D 50 13.87 4.98 -36.11
CA THR D 50 13.90 4.63 -34.68
C THR D 50 15.29 4.84 -34.08
N LEU D 51 15.38 5.71 -33.08
CA LEU D 51 16.54 5.87 -32.21
C LEU D 51 16.27 5.10 -30.91
N ALA D 52 17.08 4.11 -30.61
CA ALA D 52 16.99 3.33 -29.39
C ALA D 52 17.96 3.86 -28.34
N VAL D 53 17.48 4.06 -27.12
CA VAL D 53 18.32 4.47 -25.99
C VAL D 53 18.44 3.27 -25.05
N VAL D 54 19.66 2.77 -24.86
CA VAL D 54 19.93 1.52 -24.14
C VAL D 54 20.87 1.72 -22.96
N GLY D 55 20.66 0.98 -21.89
CA GLY D 55 21.43 1.04 -20.67
C GLY D 55 20.71 0.41 -19.49
N GLU D 56 21.43 0.12 -18.43
CA GLU D 56 20.89 -0.42 -17.18
C GLU D 56 20.27 0.67 -16.30
N SER D 57 19.68 0.30 -15.16
CA SER D 57 19.00 1.24 -14.26
C SER D 57 19.96 2.28 -13.66
N GLY D 58 19.54 3.53 -13.58
CA GLY D 58 20.32 4.66 -13.11
C GLY D 58 21.11 5.39 -14.20
N CYS D 59 20.93 5.05 -15.48
CA CYS D 59 21.75 5.59 -16.56
C CYS D 59 21.25 6.92 -17.14
N GLY D 60 20.05 7.38 -16.80
CA GLY D 60 19.47 8.65 -17.27
C GLY D 60 18.48 8.53 -18.42
N LYS D 61 18.25 7.32 -18.95
CA LYS D 61 17.38 7.09 -20.11
C LYS D 61 15.92 7.51 -19.90
N SER D 62 15.37 7.32 -18.70
CA SER D 62 13.99 7.72 -18.40
C SER D 62 13.86 9.21 -18.16
N THR D 63 14.81 9.88 -17.49
CA THR D 63 14.79 11.36 -17.42
C THR D 63 14.96 11.98 -18.82
N LEU D 64 15.76 11.40 -19.72
CA LEU D 64 15.81 11.85 -21.12
C LEU D 64 14.43 11.75 -21.78
N GLY D 65 13.72 10.64 -21.60
CA GLY D 65 12.35 10.48 -22.09
C GLY D 65 11.43 11.57 -21.57
N ARG D 66 11.43 11.83 -20.26
CA ARG D 66 10.64 12.91 -19.64
C ARG D 66 11.02 14.31 -20.12
N LEU D 67 12.29 14.63 -20.40
CA LEU D 67 12.66 15.89 -21.02
C LEU D 67 12.11 16.04 -22.43
N LEU D 68 12.29 15.03 -23.30
CA LEU D 68 11.89 15.13 -24.70
C LEU D 68 10.38 15.28 -24.87
N THR D 69 9.55 14.60 -24.06
CA THR D 69 8.09 14.82 -24.09
C THR D 69 7.65 16.01 -23.23
N MET D 70 8.59 16.81 -22.70
CA MET D 70 8.32 18.01 -21.90
C MET D 70 7.47 17.76 -20.64
N ILE D 71 7.68 16.62 -19.96
CA ILE D 71 7.09 16.37 -18.64
C ILE D 71 7.87 17.17 -17.58
N GLU D 72 9.18 17.37 -17.79
CA GLU D 72 10.07 18.15 -16.95
C GLU D 72 10.87 19.14 -17.82
N MET D 73 11.16 20.34 -17.33
CA MET D 73 12.07 21.27 -18.01
C MET D 73 13.54 20.85 -17.82
N PRO D 74 14.41 20.95 -18.84
CA PRO D 74 15.83 20.70 -18.71
C PRO D 74 16.55 21.81 -17.95
N THR D 75 17.68 21.46 -17.33
CA THR D 75 18.59 22.41 -16.64
C THR D 75 19.46 23.19 -17.62
N GLY D 76 19.60 22.70 -18.85
CA GLY D 76 20.37 23.32 -19.91
C GLY D 76 20.28 22.54 -21.22
N GLY D 77 20.86 23.07 -22.27
CA GLY D 77 20.75 22.52 -23.62
C GLY D 77 19.56 23.07 -24.40
N GLU D 78 19.41 22.60 -25.62
CA GLU D 78 18.44 23.07 -26.61
C GLU D 78 17.67 21.89 -27.19
N LEU D 79 16.39 22.08 -27.52
CA LEU D 79 15.54 21.07 -28.13
C LEU D 79 14.70 21.69 -29.24
N TYR D 80 15.03 21.37 -30.49
CA TYR D 80 14.40 21.92 -31.69
C TYR D 80 13.56 20.88 -32.41
N TYR D 81 12.32 21.24 -32.78
CA TYR D 81 11.49 20.48 -33.70
C TYR D 81 11.43 21.19 -35.05
N GLN D 82 11.82 20.53 -36.14
CA GLN D 82 11.92 21.10 -37.49
C GLN D 82 12.56 22.50 -37.57
N GLY D 83 13.55 22.78 -36.71
CA GLY D 83 14.26 24.07 -36.68
C GLY D 83 13.65 25.16 -35.80
N GLN D 84 12.65 24.89 -34.95
CA GLN D 84 12.09 25.86 -34.00
C GLN D 84 12.06 25.33 -32.56
N ASP D 85 12.31 26.22 -31.58
CA ASP D 85 12.62 25.89 -30.19
C ASP D 85 11.39 25.53 -29.35
N LEU D 86 11.42 24.35 -28.73
CA LEU D 86 10.36 23.80 -27.86
C LEU D 86 10.51 24.15 -26.38
N LEU D 87 11.60 24.78 -25.94
CA LEU D 87 11.85 25.09 -24.52
C LEU D 87 11.41 26.51 -24.12
N LYS D 88 10.92 27.34 -25.05
CA LYS D 88 10.38 28.69 -24.78
C LYS D 88 9.19 28.66 -23.82
N HIS D 89 9.05 29.71 -23.01
CA HIS D 89 7.77 30.06 -22.38
C HIS D 89 6.90 30.81 -23.39
N ASP D 90 6.06 30.11 -24.14
CA ASP D 90 5.31 30.66 -25.28
C ASP D 90 4.05 29.84 -25.57
N PRO D 91 2.83 30.42 -25.53
CA PRO D 91 1.60 29.69 -25.79
C PRO D 91 1.47 29.19 -27.24
N GLN D 92 2.23 29.74 -28.20
CA GLN D 92 2.28 29.24 -29.57
C GLN D 92 3.03 27.90 -29.69
N ALA D 93 3.95 27.59 -28.77
CA ALA D 93 4.72 26.35 -28.77
C ALA D 93 3.91 25.13 -28.28
N GLN D 94 2.81 25.35 -27.53
CA GLN D 94 1.91 24.29 -27.07
C GLN D 94 1.35 23.46 -28.25
N LYS D 95 1.05 24.12 -29.37
CA LYS D 95 0.59 23.53 -30.64
C LYS D 95 1.62 22.63 -31.33
N LEU D 96 2.89 22.68 -30.95
CA LEU D 96 3.91 21.70 -31.33
C LEU D 96 4.07 20.65 -30.24
N ARG D 97 4.29 21.10 -29.01
CA ARG D 97 4.57 20.29 -27.83
C ARG D 97 3.56 19.15 -27.63
N ARG D 98 2.26 19.40 -27.79
CA ARG D 98 1.21 18.43 -27.47
C ARG D 98 0.81 17.60 -28.68
N GLN D 99 0.75 18.20 -29.86
CA GLN D 99 0.42 17.50 -31.10
C GLN D 99 1.56 16.61 -31.59
N LYS D 100 2.78 17.12 -31.72
CA LYS D 100 3.82 16.49 -32.54
C LYS D 100 4.69 15.48 -31.81
N ILE D 101 4.96 15.69 -30.52
CA ILE D 101 5.73 14.76 -29.67
C ILE D 101 4.77 14.15 -28.64
N GLN D 102 4.74 12.82 -28.51
CA GLN D 102 3.82 12.09 -27.63
C GLN D 102 4.52 10.94 -26.89
N ILE D 103 3.94 10.43 -25.81
CA ILE D 103 4.57 9.43 -24.94
C ILE D 103 3.70 8.18 -24.73
N VAL D 104 4.34 7.01 -24.78
CA VAL D 104 3.82 5.71 -24.36
C VAL D 104 4.64 5.26 -23.13
N PHE D 105 3.97 5.12 -21.98
CA PHE D 105 4.62 4.81 -20.69
C PHE D 105 4.92 3.31 -20.52
N GLN D 106 5.75 2.98 -19.52
CA GLN D 106 6.20 1.61 -19.21
C GLN D 106 5.09 0.69 -18.73
N ASN D 107 4.24 1.19 -17.85
CA ASN D 107 3.34 0.37 -17.06
C ASN D 107 1.92 0.44 -17.65
N PRO D 108 1.37 -0.64 -18.23
CA PRO D 108 0.02 -0.63 -18.78
C PRO D 108 -1.07 -0.47 -17.72
N TYR D 109 -0.77 -0.80 -16.46
CA TYR D 109 -1.73 -0.79 -15.36
C TYR D 109 -1.88 0.58 -14.69
N GLY D 110 -0.82 1.40 -14.70
CA GLY D 110 -0.82 2.76 -14.10
C GLY D 110 -1.02 3.91 -15.08
N SER D 111 -0.87 3.67 -16.38
CA SER D 111 -0.90 4.73 -17.42
C SER D 111 -2.28 5.00 -18.01
N LEU D 112 -3.29 4.20 -17.66
CA LEU D 112 -4.70 4.39 -18.00
C LEU D 112 -5.51 4.72 -16.74
N ASN D 113 -6.40 5.72 -16.79
CA ASN D 113 -7.24 6.08 -15.64
C ASN D 113 -8.27 4.98 -15.37
N PRO D 114 -8.23 4.26 -14.22
CA PRO D 114 -9.07 3.09 -14.05
C PRO D 114 -10.56 3.39 -13.90
N ARG D 115 -10.95 4.67 -13.72
CA ARG D 115 -12.35 5.11 -13.57
C ARG D 115 -12.89 5.81 -14.82
N LYS D 116 -12.24 5.66 -15.97
CA LYS D 116 -12.69 6.15 -17.28
C LYS D 116 -12.90 4.98 -18.25
N LYS D 117 -13.90 5.09 -19.11
CA LYS D 117 -14.12 4.16 -20.22
C LYS D 117 -13.09 4.40 -21.31
N VAL D 118 -12.75 3.40 -22.13
CA VAL D 118 -11.77 3.53 -23.22
C VAL D 118 -12.10 4.66 -24.19
N GLY D 119 -13.37 4.85 -24.53
CA GLY D 119 -13.78 5.98 -25.36
C GLY D 119 -13.40 7.32 -24.75
N GLN D 120 -13.63 7.53 -23.44
CA GLN D 120 -13.27 8.70 -22.74
C GLN D 120 -11.79 8.93 -22.77
N ILE D 121 -11.00 7.88 -22.48
CA ILE D 121 -9.52 7.93 -22.46
C ILE D 121 -8.98 8.39 -23.80
N LEU D 122 -9.50 7.88 -24.93
CA LEU D 122 -9.04 8.26 -26.26
C LEU D 122 -9.55 9.64 -26.71
N GLU D 123 -10.77 10.02 -26.34
CA GLU D 123 -11.34 11.31 -26.72
C GLU D 123 -10.84 12.48 -25.87
N GLU D 124 -10.26 12.29 -24.66
CA GLU D 124 -9.79 13.42 -23.86
C GLU D 124 -8.77 14.31 -24.59
N PRO D 125 -7.76 13.77 -25.30
CA PRO D 125 -6.85 14.58 -26.09
C PRO D 125 -7.53 15.46 -27.12
N LEU D 126 -8.51 14.93 -27.84
CA LEU D 126 -9.27 15.68 -28.84
C LEU D 126 -10.14 16.76 -28.21
N LEU D 127 -10.77 16.47 -27.06
CA LEU D 127 -11.59 17.42 -26.33
C LEU D 127 -10.78 18.61 -25.85
N ILE D 128 -9.56 18.39 -25.34
CA ILE D 128 -8.70 19.47 -24.83
C ILE D 128 -8.11 20.30 -25.99
N ASN D 129 -7.62 19.67 -27.06
CA ASN D 129 -6.75 20.31 -28.06
C ASN D 129 -7.40 20.67 -29.40
N THR D 130 -8.60 20.19 -29.69
CA THR D 130 -9.19 20.28 -31.04
C THR D 130 -10.62 20.82 -31.01
N SER D 131 -11.12 21.21 -32.16
CA SER D 131 -12.47 21.78 -32.35
C SER D 131 -13.58 20.77 -32.67
N LEU D 132 -13.28 19.47 -32.67
CA LEU D 132 -14.20 18.42 -33.13
C LEU D 132 -15.45 18.26 -32.24
N SER D 133 -16.61 18.01 -32.86
CA SER D 133 -17.86 17.70 -32.14
C SER D 133 -17.85 16.31 -31.51
N LYS D 134 -18.81 16.03 -30.63
CA LYS D 134 -18.96 14.72 -29.95
C LYS D 134 -19.05 13.53 -30.92
N GLU D 135 -19.70 13.70 -32.07
CA GLU D 135 -19.77 12.69 -33.13
C GLU D 135 -18.42 12.47 -33.79
N GLN D 136 -17.74 13.55 -34.18
CA GLN D 136 -16.44 13.49 -34.83
C GLN D 136 -15.35 12.91 -33.92
N ARG D 137 -15.37 13.22 -32.61
CA ARG D 137 -14.42 12.63 -31.65
C ARG D 137 -14.60 11.12 -31.55
N ARG D 138 -15.84 10.64 -31.50
CA ARG D 138 -16.15 9.20 -31.48
C ARG D 138 -15.74 8.51 -32.78
N GLU D 139 -15.99 9.11 -33.94
CA GLU D 139 -15.55 8.56 -35.22
C GLU D 139 -14.02 8.41 -35.31
N LYS D 140 -13.27 9.42 -34.85
CA LYS D 140 -11.80 9.37 -34.82
C LYS D 140 -11.28 8.35 -33.81
N ALA D 141 -11.85 8.27 -32.61
CA ALA D 141 -11.46 7.29 -31.61
C ALA D 141 -11.71 5.84 -32.07
N LEU D 142 -12.88 5.53 -32.64
CA LEU D 142 -13.18 4.20 -33.16
C LEU D 142 -12.27 3.81 -34.34
N SER D 143 -11.93 4.75 -35.22
CA SER D 143 -10.93 4.52 -36.28
C SER D 143 -9.54 4.22 -35.71
N MET D 144 -9.10 4.93 -34.66
CA MET D 144 -7.84 4.64 -33.97
C MET D 144 -7.85 3.28 -33.25
N MET D 145 -8.95 2.89 -32.61
CA MET D 145 -9.11 1.55 -32.05
C MET D 145 -8.96 0.46 -33.10
N ALA D 146 -9.60 0.61 -34.25
CA ALA D 146 -9.51 -0.33 -35.36
C ALA D 146 -8.09 -0.41 -35.95
N LYS D 147 -7.37 0.72 -36.02
CA LYS D 147 -5.97 0.78 -36.46
C LYS D 147 -5.02 0.01 -35.54
N VAL D 148 -5.30 0.06 -34.23
CA VAL D 148 -4.46 -0.50 -33.16
C VAL D 148 -4.87 -1.92 -32.73
N GLY D 149 -5.98 -2.45 -33.26
CA GLY D 149 -6.40 -3.84 -33.08
C GLY D 149 -7.39 -4.10 -31.95
N LEU D 150 -7.99 -3.07 -31.35
CA LEU D 150 -9.12 -3.20 -30.45
C LEU D 150 -10.43 -3.27 -31.24
N LYS D 151 -11.48 -3.86 -30.67
CA LYS D 151 -12.80 -4.01 -31.30
C LYS D 151 -13.70 -2.81 -31.02
N THR D 152 -14.68 -2.55 -31.89
CA THR D 152 -15.69 -1.49 -31.69
C THR D 152 -16.49 -1.66 -30.38
N GLU D 153 -16.74 -2.89 -29.94
CA GLU D 153 -17.42 -3.17 -28.66
C GLU D 153 -16.60 -2.83 -27.41
N HIS D 154 -15.29 -2.58 -27.52
CA HIS D 154 -14.44 -2.25 -26.37
C HIS D 154 -14.59 -0.80 -25.90
N TYR D 155 -15.23 0.06 -26.67
CA TYR D 155 -15.32 1.51 -26.45
C TYR D 155 -15.96 1.89 -25.11
N ASP D 156 -16.90 1.07 -24.62
CA ASP D 156 -17.60 1.25 -23.34
C ASP D 156 -16.84 0.72 -22.11
N ARG D 157 -15.76 -0.05 -22.27
CA ARG D 157 -15.13 -0.78 -21.17
C ARG D 157 -14.09 0.02 -20.41
N TYR D 158 -13.89 -0.32 -19.14
CA TYR D 158 -12.88 0.28 -18.28
C TYR D 158 -11.56 -0.49 -18.38
N PRO D 159 -10.39 0.14 -18.16
CA PRO D 159 -9.08 -0.50 -18.23
C PRO D 159 -8.91 -1.85 -17.54
N HIS D 160 -9.58 -2.11 -16.41
CA HIS D 160 -9.46 -3.37 -15.69
C HIS D 160 -10.10 -4.58 -16.42
N MET D 161 -10.88 -4.34 -17.47
CA MET D 161 -11.51 -5.37 -18.28
C MET D 161 -10.62 -5.88 -19.43
N PHE D 162 -9.34 -5.51 -19.45
CA PHE D 162 -8.38 -5.77 -20.53
C PHE D 162 -7.09 -6.43 -20.05
N SER D 163 -6.49 -7.27 -20.89
CA SER D 163 -5.15 -7.85 -20.66
C SER D 163 -4.05 -6.78 -20.78
N GLY D 164 -2.84 -7.10 -20.34
CA GLY D 164 -1.70 -6.18 -20.43
C GLY D 164 -1.40 -5.71 -21.85
N GLY D 165 -1.57 -6.57 -22.86
CA GLY D 165 -1.41 -6.22 -24.26
C GLY D 165 -2.50 -5.29 -24.79
N GLN D 166 -3.75 -5.57 -24.43
CA GLN D 166 -4.87 -4.69 -24.76
C GLN D 166 -4.74 -3.32 -24.07
N ARG D 167 -4.23 -3.26 -22.84
CA ARG D 167 -3.91 -1.99 -22.17
C ARG D 167 -2.78 -1.23 -22.86
N GLN D 168 -1.70 -1.89 -23.27
CA GLN D 168 -0.63 -1.22 -24.03
C GLN D 168 -1.13 -0.74 -25.40
N ARG D 169 -2.06 -1.47 -26.03
CA ARG D 169 -2.79 -1.02 -27.22
C ARG D 169 -3.64 0.23 -26.95
N ILE D 170 -4.39 0.33 -25.86
CA ILE D 170 -5.09 1.59 -25.51
C ILE D 170 -4.07 2.72 -25.33
N ALA D 171 -2.93 2.46 -24.68
CA ALA D 171 -1.91 3.48 -24.46
C ALA D 171 -1.28 3.97 -25.78
N ILE D 172 -0.97 3.08 -26.73
CA ILE D 172 -0.51 3.45 -28.08
C ILE D 172 -1.61 4.23 -28.83
N ALA D 173 -2.86 3.75 -28.79
CA ALA D 173 -3.98 4.44 -29.41
C ALA D 173 -4.17 5.85 -28.86
N ARG D 174 -4.09 6.07 -27.55
CA ARG D 174 -4.18 7.42 -26.96
C ARG D 174 -3.06 8.31 -27.45
N GLY D 175 -1.82 7.81 -27.47
CA GLY D 175 -0.67 8.55 -27.94
C GLY D 175 -0.82 9.06 -29.38
N LEU D 176 -1.41 8.27 -30.28
CA LEU D 176 -1.57 8.66 -31.68
C LEU D 176 -2.76 9.59 -32.01
N MET D 177 -3.63 9.93 -31.06
CA MET D 177 -4.87 10.68 -31.36
C MET D 177 -4.67 12.06 -31.99
N LEU D 178 -3.60 12.78 -31.62
CA LEU D 178 -3.31 14.14 -32.12
C LEU D 178 -2.48 14.17 -33.40
N ASP D 179 -2.32 13.03 -34.07
CA ASP D 179 -1.50 12.85 -35.28
C ASP D 179 -0.03 13.28 -35.07
N PRO D 180 0.73 12.64 -34.14
CA PRO D 180 2.11 12.99 -33.86
C PRO D 180 3.06 12.56 -34.99
N ASP D 181 4.33 12.98 -34.91
CA ASP D 181 5.41 12.37 -35.69
C ASP D 181 6.66 12.00 -34.90
N VAL D 182 6.72 12.30 -33.59
CA VAL D 182 7.65 11.64 -32.67
C VAL D 182 6.89 10.97 -31.54
N VAL D 183 7.16 9.69 -31.29
CA VAL D 183 6.62 8.94 -30.16
C VAL D 183 7.76 8.42 -29.29
N ILE D 184 7.72 8.77 -28.01
CA ILE D 184 8.70 8.35 -27.01
C ILE D 184 8.10 7.14 -26.30
N ALA D 185 8.80 6.02 -26.34
CA ALA D 185 8.32 4.76 -25.80
C ALA D 185 9.24 4.31 -24.65
N ASP D 186 8.82 4.53 -23.40
CA ASP D 186 9.61 4.20 -22.23
C ASP D 186 9.37 2.74 -21.82
N GLN D 187 10.24 1.83 -22.24
CA GLN D 187 10.20 0.39 -21.97
C GLN D 187 8.83 -0.27 -22.28
N PRO D 188 8.27 -0.07 -23.49
CA PRO D 188 6.86 -0.29 -23.78
C PRO D 188 6.41 -1.75 -23.71
N VAL D 189 7.35 -2.68 -23.88
CA VAL D 189 7.08 -4.13 -23.96
C VAL D 189 7.76 -4.94 -22.85
N SER D 190 8.21 -4.28 -21.78
CA SER D 190 8.93 -4.90 -20.66
C SER D 190 8.07 -5.88 -19.85
N ALA D 191 6.85 -5.48 -19.48
CA ALA D 191 5.96 -6.28 -18.62
C ALA D 191 5.23 -7.42 -19.35
N LEU D 192 5.18 -7.37 -20.68
CA LEU D 192 4.36 -8.24 -21.52
C LEU D 192 5.03 -9.60 -21.77
N ASP D 193 4.22 -10.63 -22.06
CA ASP D 193 4.57 -11.94 -22.38
C ASP D 193 5.30 -12.01 -23.70
N VAL D 194 5.85 -13.12 -24.06
CA VAL D 194 6.54 -13.38 -25.28
C VAL D 194 5.63 -13.13 -26.46
N SER D 195 4.52 -13.78 -26.51
CA SER D 195 3.53 -13.69 -27.51
C SER D 195 2.96 -12.29 -27.62
N VAL D 196 2.54 -11.74 -26.49
CA VAL D 196 1.99 -10.39 -26.43
C VAL D 196 3.05 -9.37 -26.85
N ARG D 197 4.32 -9.58 -26.48
CA ARG D 197 5.44 -8.82 -26.87
C ARG D 197 5.58 -8.76 -28.35
N ALA D 198 5.54 -9.87 -29.02
CA ALA D 198 5.57 -10.02 -30.42
C ALA D 198 4.47 -9.26 -31.08
N GLN D 199 3.28 -9.39 -30.60
CA GLN D 199 2.10 -8.73 -31.04
C GLN D 199 2.27 -7.24 -31.04
N VAL D 200 2.70 -6.68 -29.95
CA VAL D 200 2.90 -5.30 -29.71
C VAL D 200 3.97 -4.74 -30.61
N LEU D 201 5.11 -5.43 -30.75
CA LEU D 201 6.19 -4.99 -31.64
C LEU D 201 5.73 -4.97 -33.09
N ASN D 202 4.95 -5.95 -33.55
CA ASN D 202 4.48 -5.93 -34.93
C ASN D 202 3.60 -4.70 -35.19
N LEU D 203 2.74 -4.35 -34.24
CA LEU D 203 1.88 -3.17 -34.26
C LEU D 203 2.69 -1.87 -34.37
N MET D 204 3.73 -1.68 -33.54
CA MET D 204 4.52 -0.45 -33.59
C MET D 204 5.25 -0.26 -34.91
N MET D 205 5.76 -1.34 -35.52
CA MET D 205 6.39 -1.29 -36.83
C MET D 205 5.38 -1.03 -37.96
N ASP D 206 4.19 -1.61 -37.90
CA ASP D 206 3.10 -1.31 -38.83
C ASP D 206 2.69 0.17 -38.77
N LEU D 207 2.51 0.73 -37.57
CA LEU D 207 2.15 2.12 -37.37
C LEU D 207 3.23 3.09 -37.87
N GLN D 208 4.51 2.79 -37.68
CA GLN D 208 5.61 3.57 -38.22
C GLN D 208 5.63 3.59 -39.75
N GLN D 209 5.47 2.43 -40.38
CA GLN D 209 5.46 2.30 -41.84
C GLN D 209 4.22 2.95 -42.47
N GLU D 210 3.07 2.92 -41.80
CA GLU D 210 1.82 3.54 -42.24
C GLU D 210 1.80 5.07 -42.07
N LEU D 211 2.07 5.56 -40.85
CA LEU D 211 1.92 6.97 -40.46
C LEU D 211 3.20 7.81 -40.59
N GLY D 212 4.38 7.18 -40.68
CA GLY D 212 5.67 7.87 -40.77
C GLY D 212 6.31 8.26 -39.44
N LEU D 213 5.86 7.68 -38.31
CA LEU D 213 6.35 8.01 -36.97
C LEU D 213 7.86 7.76 -36.79
N SER D 214 8.51 8.62 -36.02
CA SER D 214 9.85 8.37 -35.49
C SER D 214 9.78 8.00 -34.01
N TYR D 215 10.47 6.95 -33.60
CA TYR D 215 10.45 6.46 -32.22
C TYR D 215 11.73 6.83 -31.48
N VAL D 216 11.59 7.33 -30.26
CA VAL D 216 12.66 7.30 -29.26
C VAL D 216 12.36 6.13 -28.34
N PHE D 217 13.02 5.01 -28.59
CA PHE D 217 12.71 3.71 -28.02
C PHE D 217 13.63 3.41 -26.83
N ILE D 218 13.23 3.76 -25.62
CA ILE D 218 14.01 3.59 -24.40
C ILE D 218 13.85 2.14 -23.91
N SER D 219 14.94 1.37 -23.85
CA SER D 219 14.88 -0.09 -23.60
C SER D 219 16.05 -0.64 -22.78
N HIS D 220 15.77 -1.64 -21.95
CA HIS D 220 16.76 -2.50 -21.29
C HIS D 220 17.04 -3.80 -22.08
N ASP D 221 16.15 -4.21 -22.97
CA ASP D 221 16.25 -5.47 -23.71
C ASP D 221 16.89 -5.27 -25.08
N LEU D 222 18.16 -5.67 -25.17
CA LEU D 222 18.95 -5.51 -26.38
C LEU D 222 18.48 -6.42 -27.53
N SER D 223 17.80 -7.54 -27.27
CA SER D 223 17.22 -8.38 -28.24
C SER D 223 16.17 -7.67 -29.05
N VAL D 224 15.29 -6.90 -28.40
CA VAL D 224 14.24 -6.10 -29.04
C VAL D 224 14.84 -4.93 -29.82
N VAL D 225 15.86 -4.28 -29.27
CA VAL D 225 16.58 -3.18 -29.93
C VAL D 225 17.26 -3.65 -31.21
N GLU D 226 17.84 -4.85 -31.23
CA GLU D 226 18.44 -5.40 -32.45
C GLU D 226 17.41 -5.66 -33.58
N HIS D 227 16.12 -5.67 -33.25
CA HIS D 227 15.01 -5.82 -34.19
C HIS D 227 14.45 -4.47 -34.64
N ILE D 228 14.04 -3.59 -33.71
CA ILE D 228 13.27 -2.38 -34.03
C ILE D 228 14.11 -1.14 -34.37
N ALA D 229 15.39 -1.07 -33.96
CA ALA D 229 16.19 0.15 -34.07
C ALA D 229 16.81 0.38 -35.45
N ASP D 230 17.07 1.64 -35.78
CA ASP D 230 17.95 2.06 -36.88
C ASP D 230 19.26 2.67 -36.32
N GLU D 231 19.17 3.43 -35.24
CA GLU D 231 20.30 4.03 -34.53
C GLU D 231 20.23 3.76 -33.03
N VAL D 232 21.37 3.49 -32.41
CA VAL D 232 21.46 3.07 -31.00
C VAL D 232 22.36 4.02 -30.24
N MET D 233 21.89 4.50 -29.10
CA MET D 233 22.57 5.38 -28.18
C MET D 233 22.73 4.67 -26.84
N VAL D 234 23.96 4.46 -26.39
CA VAL D 234 24.28 3.71 -25.17
C VAL D 234 24.60 4.67 -24.04
N MET D 235 23.93 4.50 -22.91
CA MET D 235 23.95 5.41 -21.77
C MET D 235 24.76 4.84 -20.60
N TYR D 236 25.63 5.64 -19.99
CA TYR D 236 26.21 5.32 -18.69
C TYR D 236 26.25 6.56 -17.79
N LEU D 237 25.70 6.45 -16.58
CA LEU D 237 25.67 7.47 -15.54
C LEU D 237 25.29 8.88 -16.05
N GLY D 238 24.22 8.97 -16.84
CA GLY D 238 23.68 10.21 -17.38
C GLY D 238 24.35 10.74 -18.64
N ARG D 239 25.41 10.09 -19.15
CA ARG D 239 26.12 10.48 -20.37
C ARG D 239 26.01 9.42 -21.45
N CYS D 240 25.99 9.84 -22.71
CA CYS D 240 26.14 8.92 -23.83
C CYS D 240 27.60 8.48 -23.96
N VAL D 241 27.84 7.17 -24.02
CA VAL D 241 29.18 6.59 -24.11
C VAL D 241 29.51 6.02 -25.49
N GLU D 242 28.51 5.51 -26.20
CA GLU D 242 28.63 5.05 -27.59
C GLU D 242 27.35 5.38 -28.36
N LYS D 243 27.49 5.85 -29.60
CA LYS D 243 26.36 6.15 -30.50
C LYS D 243 26.70 5.75 -31.93
N GLY D 244 25.80 5.06 -32.61
CA GLY D 244 25.99 4.65 -33.99
C GLY D 244 24.84 3.84 -34.54
N THR D 245 24.88 3.49 -35.81
CA THR D 245 23.84 2.67 -36.43
C THR D 245 23.81 1.29 -35.80
N LYS D 246 22.66 0.63 -35.87
CA LYS D 246 22.44 -0.66 -35.19
C LYS D 246 23.51 -1.70 -35.53
N ASP D 247 23.86 -1.81 -36.81
CA ASP D 247 24.90 -2.71 -37.28
C ASP D 247 26.28 -2.39 -36.70
N GLN D 248 26.66 -1.12 -36.58
CA GLN D 248 27.89 -0.72 -35.91
C GLN D 248 27.87 -1.14 -34.44
N ILE D 249 26.83 -0.80 -33.69
CA ILE D 249 26.83 -1.02 -32.25
C ILE D 249 26.70 -2.51 -31.88
N PHE D 250 25.99 -3.33 -32.67
CA PHE D 250 25.85 -4.76 -32.41
C PHE D 250 26.93 -5.64 -33.08
N ASN D 251 27.48 -5.26 -34.23
CA ASN D 251 28.52 -6.05 -34.90
C ASN D 251 29.95 -5.56 -34.63
N ASN D 252 30.14 -4.33 -34.18
CA ASN D 252 31.45 -3.75 -33.88
C ASN D 252 31.39 -2.77 -32.68
N PRO D 253 31.00 -3.22 -31.48
CA PRO D 253 30.99 -2.38 -30.28
C PRO D 253 32.40 -2.01 -29.86
N ARG D 254 32.73 -0.71 -29.78
CA ARG D 254 34.09 -0.26 -29.45
C ARG D 254 34.26 0.18 -28.01
N HIS D 255 33.21 0.59 -27.32
CA HIS D 255 33.29 1.01 -25.93
C HIS D 255 33.17 -0.18 -24.96
N PRO D 256 34.05 -0.31 -23.94
CA PRO D 256 34.00 -1.37 -22.95
C PRO D 256 32.66 -1.66 -22.28
N TYR D 257 31.82 -0.66 -21.97
CA TYR D 257 30.49 -0.93 -21.41
C TYR D 257 29.53 -1.58 -22.42
N THR D 258 29.58 -1.18 -23.70
CA THR D 258 28.77 -1.80 -24.76
C THR D 258 29.18 -3.26 -24.95
N GLN D 259 30.49 -3.54 -24.95
CA GLN D 259 31.01 -4.90 -25.00
C GLN D 259 30.55 -5.74 -23.81
N ALA D 260 30.59 -5.19 -22.60
CA ALA D 260 30.11 -5.87 -21.40
C ALA D 260 28.59 -6.11 -21.41
N LEU D 261 27.80 -5.11 -21.80
CA LEU D 261 26.34 -5.19 -21.88
C LEU D 261 25.87 -6.22 -22.92
N LEU D 262 26.52 -6.28 -24.09
CA LEU D 262 26.25 -7.32 -25.09
C LEU D 262 26.73 -8.71 -24.63
N SER D 263 27.89 -8.80 -23.98
CA SER D 263 28.42 -10.06 -23.43
C SER D 263 27.58 -10.62 -22.27
N ALA D 264 26.92 -9.78 -21.49
CA ALA D 264 25.98 -10.18 -20.45
C ALA D 264 24.58 -10.53 -20.96
N THR D 265 24.18 -10.06 -22.14
CA THR D 265 22.86 -10.35 -22.72
C THR D 265 22.78 -11.83 -23.13
N PRO D 266 21.80 -12.61 -22.63
CA PRO D 266 21.72 -14.03 -22.94
C PRO D 266 21.27 -14.26 -24.38
N ARG D 267 21.84 -15.25 -25.07
CA ARG D 267 21.49 -15.58 -26.46
C ARG D 267 21.22 -17.07 -26.67
N LEU D 268 20.13 -17.37 -27.36
CA LEU D 268 19.64 -18.72 -27.56
C LEU D 268 20.53 -19.52 -28.53
N ASN D 269 20.87 -18.96 -29.68
CA ASN D 269 21.69 -19.64 -30.70
C ASN D 269 23.14 -19.80 -30.22
N PRO D 270 23.69 -21.02 -30.07
CA PRO D 270 25.02 -21.25 -29.55
C PRO D 270 26.16 -20.52 -30.28
N ASP D 271 26.07 -20.36 -31.60
CA ASP D 271 27.11 -19.71 -32.39
C ASP D 271 27.23 -18.20 -32.14
N ASP D 272 26.16 -17.54 -31.70
CA ASP D 272 26.13 -16.09 -31.41
C ASP D 272 26.55 -15.74 -29.96
N ARG D 273 26.82 -16.75 -29.11
CA ARG D 273 27.24 -16.55 -27.72
C ARG D 273 28.68 -16.02 -27.67
N ARG D 274 28.82 -14.72 -27.41
CA ARG D 274 30.11 -14.01 -27.39
C ARG D 274 30.97 -14.44 -26.22
N GLU D 275 32.26 -14.07 -26.26
CA GLU D 275 33.19 -14.23 -25.12
C GLU D 275 32.61 -13.55 -23.87
N ARG D 276 32.47 -14.29 -22.76
CA ARG D 276 31.96 -13.74 -21.51
C ARG D 276 33.02 -12.86 -20.84
N ILE D 277 32.70 -11.58 -20.67
CA ILE D 277 33.43 -10.65 -19.80
C ILE D 277 32.51 -10.18 -18.69
N LYS D 278 32.89 -10.43 -17.43
CA LYS D 278 32.05 -10.19 -16.26
C LYS D 278 32.60 -9.01 -15.44
N LEU D 279 31.75 -8.02 -15.23
CA LEU D 279 32.09 -6.80 -14.49
C LEU D 279 32.00 -7.00 -12.98
N SER D 280 32.85 -6.28 -12.24
CA SER D 280 32.79 -6.16 -10.78
C SER D 280 31.81 -5.06 -10.33
N GLY D 281 31.38 -5.12 -9.07
CA GLY D 281 30.68 -4.05 -8.37
C GLY D 281 29.28 -3.68 -8.87
N GLU D 282 28.69 -2.69 -8.24
CA GLU D 282 27.41 -2.05 -8.60
C GLU D 282 27.59 -0.87 -9.56
N LEU D 283 26.52 -0.47 -10.26
CA LEU D 283 26.48 0.81 -10.97
C LEU D 283 26.47 1.95 -9.93
N PRO D 284 27.38 2.94 -10.01
CA PRO D 284 27.61 3.89 -8.91
C PRO D 284 26.46 4.90 -8.80
N SER D 285 26.15 5.34 -7.58
CA SER D 285 25.09 6.23 -7.28
C SER D 285 25.38 7.61 -7.83
N PRO D 286 24.41 8.32 -8.42
CA PRO D 286 24.65 9.66 -8.97
C PRO D 286 24.75 10.77 -7.92
N LEU D 287 24.46 10.47 -6.65
CA LEU D 287 24.72 11.37 -5.51
C LEU D 287 26.23 11.53 -5.22
N ASN D 288 27.03 10.51 -5.55
CA ASN D 288 28.47 10.43 -5.31
C ASN D 288 29.18 9.87 -6.56
N PRO D 289 29.20 10.61 -7.69
CA PRO D 289 29.70 10.10 -8.96
C PRO D 289 31.23 9.95 -8.94
N PRO D 290 31.81 8.91 -9.56
CA PRO D 290 33.23 8.72 -9.61
C PRO D 290 33.94 9.83 -10.34
N PRO D 291 35.17 10.18 -9.95
CA PRO D 291 35.99 11.17 -10.65
C PRO D 291 36.49 10.63 -11.99
N GLY D 292 36.68 11.51 -12.97
CA GLY D 292 37.05 11.13 -14.32
C GLY D 292 35.94 10.35 -15.03
N CYS D 293 36.29 9.29 -15.76
CA CYS D 293 35.34 8.43 -16.46
C CYS D 293 34.52 7.57 -15.48
N ALA D 294 33.20 7.55 -15.62
CA ALA D 294 32.31 6.92 -14.64
C ALA D 294 32.49 5.40 -14.53
N PHE D 295 33.02 4.76 -15.57
CA PHE D 295 33.20 3.32 -15.67
C PHE D 295 34.56 2.83 -15.11
N ASN D 296 35.46 3.72 -14.67
CA ASN D 296 36.81 3.31 -14.28
C ASN D 296 36.84 2.34 -13.09
N ALA D 297 35.81 2.29 -12.25
CA ALA D 297 35.71 1.31 -11.17
C ALA D 297 35.51 -0.13 -11.65
N ARG D 298 34.93 -0.32 -12.84
CA ARG D 298 34.47 -1.62 -13.37
C ARG D 298 35.24 -2.08 -14.61
N CYS D 299 35.95 -1.16 -15.26
CA CYS D 299 36.54 -1.35 -16.56
C CYS D 299 37.75 -2.30 -16.59
N ARG D 300 37.87 -3.11 -17.66
CA ARG D 300 39.02 -3.99 -17.88
C ARG D 300 40.24 -3.30 -18.53
N ARG D 301 40.10 -2.04 -18.95
CA ARG D 301 41.10 -1.29 -19.73
C ARG D 301 41.63 -0.02 -19.04
N ARG D 302 41.45 0.13 -17.72
CA ARG D 302 41.88 1.32 -16.94
C ARG D 302 43.30 1.75 -17.32
N PHE D 303 43.47 3.04 -17.51
CA PHE D 303 44.64 3.63 -18.15
C PHE D 303 44.84 5.06 -17.60
N GLY D 304 46.02 5.64 -17.75
CA GLY D 304 46.45 6.91 -17.14
C GLY D 304 45.40 8.03 -17.04
N PRO D 305 44.75 8.47 -18.13
CA PRO D 305 43.82 9.60 -18.11
C PRO D 305 42.46 9.30 -17.49
N CYS D 306 42.06 8.05 -17.31
CA CYS D 306 40.68 7.69 -17.03
C CYS D 306 40.15 8.14 -15.67
N THR D 307 41.01 8.26 -14.66
CA THR D 307 40.65 8.75 -13.32
C THR D 307 40.74 10.28 -13.20
N GLN D 308 41.30 10.96 -14.20
CA GLN D 308 41.59 12.39 -14.16
C GLN D 308 40.61 13.26 -14.95
N LEU D 309 40.04 12.74 -16.05
CA LEU D 309 39.24 13.50 -17.01
C LEU D 309 37.99 12.72 -17.46
N GLN D 310 36.93 13.44 -17.84
CA GLN D 310 35.81 12.87 -18.59
C GLN D 310 36.18 12.81 -20.09
N PRO D 311 36.02 11.66 -20.77
CA PRO D 311 36.18 11.59 -22.22
C PRO D 311 34.99 12.26 -22.94
N GLN D 312 35.14 12.53 -24.23
CA GLN D 312 34.10 13.12 -25.07
C GLN D 312 33.87 12.27 -26.31
N LEU D 313 32.65 12.27 -26.86
CA LEU D 313 32.31 11.51 -28.05
C LEU D 313 33.14 11.98 -29.25
N LYS D 314 33.90 11.06 -29.87
CA LYS D 314 34.66 11.29 -31.11
C LYS D 314 34.36 10.25 -32.16
N ASP D 315 34.38 10.65 -33.44
CA ASP D 315 34.14 9.82 -34.61
C ASP D 315 35.34 8.93 -34.95
N TYR D 316 35.20 7.62 -34.78
CA TYR D 316 36.22 6.62 -35.10
C TYR D 316 35.69 5.64 -36.14
N GLY D 317 35.71 6.04 -37.41
CA GLY D 317 35.27 5.21 -38.53
C GLY D 317 33.76 5.22 -38.78
N GLY D 318 33.04 6.26 -38.33
CA GLY D 318 31.61 6.45 -38.56
C GLY D 318 30.69 6.14 -37.37
N GLN D 319 31.23 5.75 -36.22
CA GLN D 319 30.49 5.67 -34.95
C GLN D 319 31.21 6.48 -33.87
N LEU D 320 30.46 7.01 -32.92
CA LEU D 320 31.00 7.89 -31.89
C LEU D 320 31.20 7.10 -30.59
N VAL D 321 32.38 7.18 -29.98
CA VAL D 321 32.66 6.63 -28.64
C VAL D 321 33.41 7.62 -27.77
N ALA D 322 33.06 7.64 -26.49
CA ALA D 322 33.69 8.45 -25.46
C ALA D 322 34.63 7.60 -24.60
N CYS D 323 35.84 7.31 -25.10
CA CYS D 323 36.77 6.39 -24.46
C CYS D 323 38.23 6.68 -24.83
N PHE D 324 39.09 6.91 -23.83
CA PHE D 324 40.51 7.20 -24.04
C PHE D 324 41.31 5.99 -24.56
N ALA D 325 40.93 4.77 -24.23
CA ALA D 325 41.59 3.59 -24.76
C ALA D 325 41.34 3.41 -26.26
N VAL D 326 40.14 3.73 -26.76
CA VAL D 326 39.87 3.75 -28.21
C VAL D 326 40.63 4.88 -28.89
N ASP D 327 40.75 6.03 -28.24
CA ASP D 327 41.54 7.13 -28.78
C ASP D 327 43.02 6.73 -28.94
N GLN D 328 43.61 6.01 -27.97
CA GLN D 328 44.98 5.53 -28.11
C GLN D 328 45.13 4.40 -29.14
N ASP D 329 44.13 3.54 -29.30
CA ASP D 329 44.11 2.49 -30.33
C ASP D 329 44.11 3.09 -31.75
N GLU D 330 43.43 4.22 -31.95
CA GLU D 330 43.38 4.97 -33.21
C GLU D 330 44.50 6.01 -33.37
N ASN D 331 45.07 6.52 -32.28
CA ASN D 331 46.14 7.52 -32.23
C ASN D 331 47.25 7.09 -31.25
N PRO D 332 48.20 6.21 -31.65
CA PRO D 332 49.19 5.60 -30.77
C PRO D 332 50.06 6.56 -29.96
N GLN D 333 50.16 7.83 -30.36
CA GLN D 333 50.86 8.89 -29.65
C GLN D 333 50.15 9.41 -28.37
N ARG D 334 48.89 9.02 -28.13
CA ARG D 334 48.08 9.47 -26.99
C ARG D 334 48.59 8.96 -25.64
FE1 SF4 E . -1.95 -28.85 -31.78
FE2 SF4 E . -2.68 -30.00 -29.46
FE3 SF4 E . -0.80 -31.17 -30.99
FE4 SF4 E . -3.36 -31.15 -31.82
S1 SF4 E . -2.54 -32.19 -29.96
S2 SF4 E . -1.57 -30.70 -33.05
S3 SF4 E . -4.06 -29.12 -31.04
S4 SF4 E . -0.67 -29.15 -29.95
FE1 SF4 F . 36.40 4.80 -19.39
FE2 SF4 F . 39.09 4.55 -19.39
FE3 SF4 F . 37.69 3.88 -21.59
FE4 SF4 F . 37.52 2.35 -19.38
S1 SF4 F . 39.37 2.71 -20.66
S2 SF4 F . 35.81 3.01 -20.67
S3 SF4 F . 37.66 3.89 -17.75
S4 SF4 F . 37.87 5.95 -20.66
PG AGS G . 14.31 3.82 -14.63
S1G AGS G . 12.95 4.99 -13.99
O2G AGS G . 14.98 2.92 -13.50
O3G AGS G . 13.67 2.66 -15.50
PB AGS G . 16.68 5.09 -14.95
O1B AGS G . 17.89 4.79 -15.73
O2B AGS G . 16.85 4.70 -13.53
O3B AGS G . 15.48 4.30 -15.54
PA AGS G . 16.54 7.72 -14.26
O1A AGS G . 15.74 7.75 -13.01
O2A AGS G . 16.31 8.94 -15.04
O3A AGS G . 16.14 6.52 -15.19
O5' AGS G . 18.12 7.47 -14.04
C5' AGS G . 19.01 8.51 -13.58
C4' AGS G . 18.89 8.83 -12.06
O4' AGS G . 17.88 9.81 -11.80
C3' AGS G . 18.52 7.65 -11.11
O3' AGS G . 19.68 7.12 -10.47
C2' AGS G . 17.58 8.30 -10.07
O2' AGS G . 17.95 8.00 -8.72
C1' AGS G . 17.65 9.80 -10.39
N9 AGS G . 16.43 10.54 -10.11
C8 AGS G . 15.21 10.45 -10.79
N7 AGS G . 14.28 11.32 -10.32
C5 AGS G . 14.97 11.94 -9.33
C6 AGS G . 14.55 12.95 -8.46
N6 AGS G . 13.32 13.48 -8.49
N1 AGS G . 15.33 13.47 -7.54
C2 AGS G . 16.57 12.96 -7.49
N3 AGS G . 17.07 11.99 -8.27
C4 AGS G . 16.24 11.50 -9.18
#